data_1TH1
#
_entry.id   1TH1
#
_cell.length_a   85.159
_cell.length_b   133.800
_cell.length_c   82.166
_cell.angle_alpha   90.00
_cell.angle_beta   110.85
_cell.angle_gamma   90.00
#
_symmetry.space_group_name_H-M   'P 1 21 1'
#
loop_
_entity.id
_entity.type
_entity.pdbx_description
1 polymer Beta-catenin
2 polymer 'Adenomatous polyposis coli protein'
3 water water
#
loop_
_entity_poly.entity_id
_entity_poly.type
_entity_poly.pdbx_seq_one_letter_code
_entity_poly.pdbx_strand_id
1 'polypeptide(L)'
;KHAVVNLINYQDDAELATRAIPELTKLLNDEDQVVVNKAAVMVHQLSKKEASRHAIMRSPQMVSAIVRTMQNTNDVETAR
CTAGTLHNLSHHREGLLAIFKSGGIPALVKMLGSPVDSVLFYAITTLHNLLLHQEGAKMAVRLAGGLQKMVALLNKTNVK
FLAITTDCLQILAYGNQESKLIILASGGPQALVNIMRTYTYEKLLWTTSRVLKVLSVCSSNKPAIVEAGGMQALGLHLTD
PSQRLVQNCLWTLRNLSDAATKQEGMEGLLGTLVQLLGSDDINVVTCAAGILSNLTCNNYKNKMMVCQVGGIEALVRTVL
RAGDREDITEPAICALRHLTSRHQEAEMAQNAVRLHYGLPVVVKLLHPPSHWPLIKATVGLIRNLALCPANHAPLREQGA
IPRLVQLLVRAHQDTQRRTSMGGTQQQFVEGVRMEEIVEGCTGALHILARDVHNRIVIRGLNTIPLFVQLLYSPIENIQR
VAAGVLCELAQDKEAAEAIEAEGATAPLTELLHSRNEGVATYAAAVLFRMSE
;
A,B
2 'polypeptide(L)'
;SKSGAQTPKSPPEHYVQETPLMFSRCTSVSSLDSFESRSIASSVQSEPCSGMVSGIISPSDLPDSPGQTMPPSRSKTPPP
PPQTAQTKREVPKNKAPTAEKRESGPKQAAVNAAVQRVQVLPDAD(TPO)LLHFATESTPDGFSCS(SEP)(SEP)L
(SEP)AL(SEP)LDEPFIQKDVELRIMPPVQENDNGNETESE
;
C,D
#
# COMPACT_ATOMS: atom_id res chain seq x y z
N ASP A 13 8.70 23.28 75.93
CA ASP A 13 9.00 22.99 74.49
C ASP A 13 9.18 24.26 73.67
N ALA A 14 8.29 25.24 73.87
CA ALA A 14 8.36 26.52 73.16
C ALA A 14 9.15 27.49 74.05
N GLU A 15 9.42 27.03 75.27
CA GLU A 15 10.15 27.76 76.31
C GLU A 15 11.41 26.98 76.68
N LEU A 16 11.29 25.65 76.73
CA LEU A 16 12.38 24.73 77.06
C LEU A 16 13.40 24.55 75.91
N ALA A 17 12.91 24.41 74.69
CA ALA A 17 13.77 24.22 73.51
C ALA A 17 14.30 25.50 72.87
N THR A 18 13.70 26.64 73.20
CA THR A 18 14.11 27.95 72.65
C THR A 18 15.44 28.42 73.28
N ARG A 19 15.79 27.83 74.43
CA ARG A 19 17.05 28.14 75.14
C ARG A 19 18.10 27.07 74.83
N ALA A 20 17.66 25.97 74.21
CA ALA A 20 18.51 24.85 73.82
C ALA A 20 18.86 24.95 72.32
N ILE A 21 18.20 25.88 71.63
CA ILE A 21 18.43 26.14 70.21
C ILE A 21 19.73 26.94 69.96
N PRO A 22 20.03 28.02 70.76
CA PRO A 22 21.28 28.75 70.50
C PRO A 22 22.50 27.95 70.96
N GLU A 23 22.24 26.92 71.77
CA GLU A 23 23.25 26.02 72.31
C GLU A 23 23.74 25.07 71.21
N LEU A 24 22.78 24.58 70.41
CA LEU A 24 23.07 23.67 69.31
C LEU A 24 23.67 24.39 68.10
N THR A 25 23.53 25.72 68.07
CA THR A 25 24.06 26.57 67.00
C THR A 25 25.57 26.75 67.30
N LYS A 26 25.91 26.87 68.59
CA LYS A 26 27.31 27.01 69.04
C LYS A 26 28.04 25.70 68.81
N LEU A 27 27.34 24.59 69.08
CA LEU A 27 27.86 23.24 68.91
C LEU A 27 28.06 22.82 67.45
N LEU A 28 27.39 23.52 66.54
CA LEU A 28 27.47 23.27 65.09
C LEU A 28 28.57 24.14 64.47
N ASN A 29 28.91 25.23 65.15
CA ASN A 29 29.96 26.17 64.73
C ASN A 29 31.30 25.81 65.38
N ASP A 30 31.33 24.68 66.09
CA ASP A 30 32.52 24.17 66.81
C ASP A 30 33.66 23.76 65.87
N GLU A 31 34.89 23.88 66.39
CA GLU A 31 36.12 23.55 65.65
C GLU A 31 36.40 22.05 65.54
N ASP A 32 35.89 21.29 66.51
CA ASP A 32 36.04 19.84 66.54
C ASP A 32 34.86 19.23 65.79
N GLN A 33 35.15 18.63 64.63
CA GLN A 33 34.12 18.01 63.78
C GLN A 33 33.64 16.62 64.24
N VAL A 34 33.64 16.43 65.55
CA VAL A 34 33.17 15.20 66.20
C VAL A 34 31.99 15.66 67.04
N VAL A 35 32.09 16.90 67.55
CA VAL A 35 31.07 17.56 68.36
C VAL A 35 29.94 18.05 67.43
N VAL A 36 30.33 18.45 66.22
CA VAL A 36 29.42 18.93 65.18
C VAL A 36 28.52 17.76 64.71
N ASN A 37 29.12 16.56 64.67
CA ASN A 37 28.43 15.34 64.26
C ASN A 37 27.40 14.89 65.29
N LYS A 38 27.73 15.06 66.57
CA LYS A 38 26.86 14.69 67.69
C LYS A 38 25.68 15.67 67.77
N ALA A 39 25.97 16.92 67.43
CA ALA A 39 24.98 18.00 67.43
C ALA A 39 23.97 17.89 66.30
N ALA A 40 24.44 17.44 65.14
CA ALA A 40 23.60 17.27 63.95
C ALA A 40 22.58 16.14 64.14
N VAL A 41 22.93 15.16 64.96
CA VAL A 41 22.09 14.02 65.28
C VAL A 41 21.01 14.46 66.28
N MET A 42 21.35 15.47 67.10
CA MET A 42 20.46 16.02 68.12
C MET A 42 19.38 16.91 67.46
N VAL A 43 19.81 17.74 66.52
CA VAL A 43 18.94 18.67 65.77
C VAL A 43 17.97 17.85 64.91
N HIS A 44 18.46 16.69 64.45
CA HIS A 44 17.71 15.76 63.62
C HIS A 44 16.57 15.11 64.42
N GLN A 45 16.87 14.71 65.65
CA GLN A 45 15.89 14.08 66.55
C GLN A 45 14.84 15.09 67.00
N LEU A 46 15.22 16.36 67.00
CA LEU A 46 14.32 17.44 67.40
C LEU A 46 13.41 17.89 66.25
N SER A 47 13.81 17.59 65.02
CA SER A 47 13.00 17.95 63.84
C SER A 47 11.87 16.94 63.63
N LYS A 48 11.94 15.83 64.37
CA LYS A 48 10.95 14.75 64.37
C LYS A 48 9.68 15.24 65.10
N LYS A 49 9.91 15.92 66.23
CA LYS A 49 8.87 16.49 67.09
C LYS A 49 8.32 17.77 66.47
N GLU A 50 7.01 17.98 66.57
CA GLU A 50 6.35 19.16 66.01
C GLU A 50 6.73 20.48 66.69
N ALA A 51 6.71 20.48 68.03
CA ALA A 51 7.01 21.66 68.84
C ALA A 51 8.43 22.22 68.67
N SER A 52 9.41 21.33 68.66
CA SER A 52 10.81 21.72 68.51
C SER A 52 11.26 21.95 67.04
N ARG A 53 10.44 21.47 66.09
CA ARG A 53 10.70 21.65 64.65
C ARG A 53 10.46 23.11 64.34
N HIS A 54 9.41 23.66 64.95
CA HIS A 54 9.00 25.05 64.82
C HIS A 54 10.05 25.98 65.45
N ALA A 55 10.74 25.49 66.48
CA ALA A 55 11.78 26.26 67.18
C ALA A 55 13.07 26.41 66.36
N ILE A 56 13.41 25.38 65.58
CA ILE A 56 14.60 25.36 64.71
C ILE A 56 14.31 26.33 63.55
N MET A 57 13.11 26.17 63.01
CA MET A 57 12.54 26.93 61.91
C MET A 57 12.45 28.46 62.13
N ARG A 58 12.04 28.86 63.33
CA ARG A 58 11.88 30.28 63.70
C ARG A 58 13.18 31.06 63.90
N SER A 59 14.31 30.36 64.02
CA SER A 59 15.60 31.03 64.22
C SER A 59 16.54 30.91 63.01
N PRO A 60 16.83 32.06 62.34
CA PRO A 60 17.71 32.14 61.16
C PRO A 60 19.16 31.70 61.37
N GLN A 61 19.65 31.88 62.59
CA GLN A 61 21.02 31.53 63.00
C GLN A 61 21.21 30.02 63.02
N MET A 62 20.17 29.32 63.47
CA MET A 62 20.15 27.87 63.58
C MET A 62 20.08 27.17 62.23
N VAL A 63 19.26 27.72 61.33
CA VAL A 63 19.09 27.17 59.99
C VAL A 63 20.33 27.40 59.13
N SER A 64 20.97 28.56 59.30
CA SER A 64 22.18 28.88 58.55
C SER A 64 23.38 28.05 59.01
N ALA A 65 23.26 27.48 60.20
CA ALA A 65 24.30 26.62 60.78
C ALA A 65 24.15 25.21 60.23
N ILE A 66 22.89 24.80 60.01
CA ILE A 66 22.54 23.49 59.45
C ILE A 66 22.93 23.44 57.97
N VAL A 67 22.71 24.56 57.26
CA VAL A 67 23.04 24.69 55.84
C VAL A 67 24.56 24.69 55.65
N ARG A 68 25.25 25.43 56.53
CA ARG A 68 26.71 25.56 56.54
C ARG A 68 27.40 24.24 56.80
N THR A 69 26.81 23.43 57.69
CA THR A 69 27.35 22.12 58.05
C THR A 69 27.27 21.22 56.82
N MET A 70 26.07 21.11 56.25
CA MET A 70 25.79 20.29 55.06
C MET A 70 26.75 20.41 53.87
N GLN A 71 27.01 21.64 53.40
CA GLN A 71 27.91 21.81 52.25
C GLN A 71 29.40 21.72 52.53
N ASN A 72 29.78 21.78 53.80
CA ASN A 72 31.19 21.71 54.20
C ASN A 72 31.57 20.37 54.83
N THR A 73 30.58 19.54 55.15
CA THR A 73 30.80 18.23 55.79
C THR A 73 31.38 17.17 54.84
N ASN A 74 32.14 16.24 55.42
CA ASN A 74 32.76 15.13 54.70
C ASN A 74 32.18 13.80 55.21
N ASP A 75 31.55 13.85 56.40
CA ASP A 75 30.94 12.68 57.04
C ASP A 75 29.54 12.41 56.47
N VAL A 76 29.31 11.14 56.13
CA VAL A 76 28.05 10.67 55.55
C VAL A 76 26.85 10.56 56.50
N GLU A 77 27.12 10.23 57.77
CA GLU A 77 26.09 10.09 58.80
C GLU A 77 25.54 11.47 59.20
N THR A 78 26.40 12.49 59.06
CA THR A 78 26.06 13.88 59.38
C THR A 78 25.31 14.46 58.18
N ALA A 79 25.73 14.08 56.98
CA ALA A 79 25.15 14.52 55.71
C ALA A 79 23.66 14.20 55.61
N ARG A 80 23.28 12.97 55.98
CA ARG A 80 21.88 12.56 55.94
C ARG A 80 21.04 13.20 57.04
N CYS A 81 21.63 13.34 58.23
CA CYS A 81 20.97 13.95 59.39
C CYS A 81 20.69 15.44 59.20
N THR A 82 21.60 16.12 58.50
CA THR A 82 21.49 17.54 58.23
C THR A 82 20.50 17.79 57.08
N ALA A 83 20.58 16.95 56.05
CA ALA A 83 19.68 17.05 54.89
C ALA A 83 18.30 16.57 55.31
N GLY A 84 18.26 15.74 56.35
CA GLY A 84 17.02 15.21 56.92
C GLY A 84 16.28 16.24 57.74
N THR A 85 17.02 17.18 58.31
CA THR A 85 16.46 18.26 59.11
C THR A 85 15.80 19.22 58.12
N LEU A 86 16.52 19.55 57.04
CA LEU A 86 16.03 20.44 56.00
C LEU A 86 14.79 19.88 55.29
N HIS A 87 14.70 18.56 55.27
CA HIS A 87 13.56 17.85 54.68
C HIS A 87 12.33 18.08 55.55
N ASN A 88 12.52 17.96 56.87
CA ASN A 88 11.46 18.15 57.85
C ASN A 88 10.97 19.59 57.90
N LEU A 89 11.90 20.53 57.73
CA LEU A 89 11.59 21.96 57.74
C LEU A 89 10.89 22.43 56.46
N SER A 90 11.08 21.69 55.35
CA SER A 90 10.50 22.04 54.05
C SER A 90 8.99 21.80 53.92
N HIS A 91 8.39 21.25 54.98
CA HIS A 91 6.95 21.02 55.01
C HIS A 91 6.26 22.30 55.53
N HIS A 92 7.07 23.26 55.98
CA HIS A 92 6.57 24.53 56.52
C HIS A 92 7.05 25.73 55.73
N ARG A 93 6.18 26.74 55.64
CA ARG A 93 6.41 28.00 54.95
C ARG A 93 7.62 28.77 55.49
N GLU A 94 7.66 28.89 56.82
CA GLU A 94 8.74 29.59 57.51
C GLU A 94 10.05 28.81 57.42
N GLY A 95 9.90 27.49 57.25
CA GLY A 95 11.04 26.60 57.09
C GLY A 95 11.63 26.78 55.71
N LEU A 96 10.77 26.84 54.70
CA LEU A 96 11.15 27.03 53.30
C LEU A 96 11.83 28.37 53.10
N LEU A 97 11.31 29.40 53.77
CA LEU A 97 11.84 30.76 53.70
C LEU A 97 13.20 30.83 54.37
N ALA A 98 13.36 30.07 55.45
CA ALA A 98 14.61 29.99 56.21
C ALA A 98 15.70 29.33 55.38
N ILE A 99 15.38 28.17 54.79
CA ILE A 99 16.30 27.41 53.93
C ILE A 99 16.76 28.29 52.76
N PHE A 100 15.82 29.04 52.18
CA PHE A 100 16.11 29.94 51.07
C PHE A 100 17.00 31.13 51.44
N LYS A 101 16.66 31.87 52.51
CA LYS A 101 17.43 33.03 52.97
C LYS A 101 18.88 32.68 53.34
N SER A 102 19.06 31.50 53.91
CA SER A 102 20.36 31.02 54.37
C SER A 102 21.25 30.31 53.34
N GLY A 103 20.87 30.39 52.06
CA GLY A 103 21.65 29.77 51.00
C GLY A 103 21.58 28.26 51.01
N GLY A 104 20.38 27.74 51.27
CA GLY A 104 20.17 26.30 51.29
C GLY A 104 20.15 25.68 49.91
N ILE A 105 19.75 26.46 48.89
CA ILE A 105 19.68 25.95 47.53
C ILE A 105 21.03 25.55 46.91
N PRO A 106 22.09 26.42 46.95
CA PRO A 106 23.36 25.98 46.35
C PRO A 106 23.95 24.80 47.12
N ALA A 107 23.58 24.71 48.40
CA ALA A 107 24.01 23.66 49.30
C ALA A 107 23.34 22.32 48.97
N LEU A 108 22.06 22.38 48.61
CA LEU A 108 21.26 21.20 48.27
C LEU A 108 21.59 20.67 46.88
N VAL A 109 21.97 21.59 45.98
CA VAL A 109 22.37 21.26 44.61
C VAL A 109 23.66 20.44 44.69
N LYS A 110 24.56 20.83 45.60
CA LYS A 110 25.84 20.14 45.84
C LYS A 110 25.60 18.71 46.34
N MET A 111 24.53 18.53 47.11
CA MET A 111 24.17 17.24 47.67
C MET A 111 23.56 16.28 46.64
N LEU A 112 23.23 16.80 45.46
CA LEU A 112 22.67 15.97 44.38
C LEU A 112 23.80 15.21 43.67
N GLY A 113 25.02 15.43 44.17
CA GLY A 113 26.20 14.77 43.62
C GLY A 113 26.77 13.73 44.57
N SER A 114 25.99 13.29 45.55
CA SER A 114 26.44 12.28 46.53
C SER A 114 25.99 10.87 46.14
N PRO A 115 26.81 9.83 46.46
CA PRO A 115 26.43 8.44 46.11
C PRO A 115 25.40 7.81 47.05
N VAL A 116 25.16 8.45 48.20
CA VAL A 116 24.22 7.96 49.20
C VAL A 116 22.77 8.26 48.80
N ASP A 117 21.92 7.23 48.83
CA ASP A 117 20.51 7.32 48.47
C ASP A 117 19.67 8.19 49.39
N SER A 118 19.81 8.00 50.70
CA SER A 118 19.07 8.77 51.70
C SER A 118 19.28 10.29 51.55
N VAL A 119 20.51 10.68 51.24
CA VAL A 119 20.88 12.09 51.04
C VAL A 119 20.16 12.67 49.81
N LEU A 120 20.24 11.96 48.68
CA LEU A 120 19.59 12.37 47.42
C LEU A 120 18.09 12.48 47.62
N PHE A 121 17.53 11.51 48.34
CA PHE A 121 16.11 11.45 48.64
C PHE A 121 15.63 12.64 49.47
N TYR A 122 16.49 13.12 50.37
CA TYR A 122 16.18 14.26 51.22
C TYR A 122 16.35 15.56 50.43
N ALA A 123 17.44 15.64 49.67
CA ALA A 123 17.76 16.81 48.87
C ALA A 123 16.82 17.12 47.71
N ILE A 124 16.28 16.07 47.06
CA ILE A 124 15.36 16.27 45.94
C ILE A 124 13.95 16.58 46.43
N THR A 125 13.58 16.05 47.59
CA THR A 125 12.27 16.28 48.19
C THR A 125 12.21 17.71 48.73
N THR A 126 13.35 18.19 49.25
CA THR A 126 13.44 19.55 49.82
C THR A 126 13.42 20.56 48.67
N LEU A 127 14.21 20.28 47.62
CA LEU A 127 14.28 21.14 46.43
C LEU A 127 12.96 21.20 45.68
N HIS A 128 12.20 20.10 45.71
CA HIS A 128 10.88 20.00 45.07
C HIS A 128 9.91 20.93 45.78
N ASN A 129 9.84 20.82 47.11
CA ASN A 129 8.97 21.66 47.94
C ASN A 129 9.31 23.15 47.79
N LEU A 130 10.61 23.44 47.62
CA LEU A 130 11.11 24.79 47.43
C LEU A 130 10.65 25.33 46.06
N LEU A 131 10.79 24.52 45.01
CA LEU A 131 10.40 24.90 43.65
C LEU A 131 8.90 25.11 43.52
N LEU A 132 8.14 24.32 44.28
CA LEU A 132 6.69 24.40 44.31
C LEU A 132 6.09 25.54 45.14
N HIS A 133 6.68 25.81 46.31
CA HIS A 133 6.12 26.81 47.23
C HIS A 133 6.92 28.07 47.60
N GLN A 134 8.20 28.12 47.23
CA GLN A 134 9.04 29.28 47.55
C GLN A 134 9.35 30.07 46.30
N GLU A 135 8.98 31.35 46.30
CA GLU A 135 9.25 32.22 45.15
C GLU A 135 10.72 32.63 45.07
N GLY A 136 11.27 32.55 43.87
CA GLY A 136 12.66 32.88 43.65
C GLY A 136 13.53 31.64 43.69
N ALA A 137 12.93 30.50 44.04
CA ALA A 137 13.65 29.24 44.12
C ALA A 137 14.06 28.68 42.77
N LYS A 138 13.22 28.88 41.75
CA LYS A 138 13.48 28.39 40.39
C LYS A 138 14.75 28.98 39.80
N MET A 139 14.90 30.29 39.92
CA MET A 139 16.05 31.01 39.42
C MET A 139 17.31 30.66 40.21
N ALA A 140 17.15 30.41 41.52
CA ALA A 140 18.26 30.04 42.38
C ALA A 140 18.82 28.66 42.07
N VAL A 141 17.96 27.72 41.65
CA VAL A 141 18.37 26.35 41.29
C VAL A 141 19.03 26.36 39.91
N ARG A 142 18.58 27.27 39.04
CA ARG A 142 19.14 27.43 37.70
C ARG A 142 20.55 28.02 37.77
N LEU A 143 20.69 29.12 38.51
CA LEU A 143 21.96 29.82 38.71
C LEU A 143 22.99 28.96 39.42
N ALA A 144 22.51 28.04 40.25
CA ALA A 144 23.34 27.11 41.00
C ALA A 144 23.78 25.92 40.16
N GLY A 145 23.15 25.75 39.01
CA GLY A 145 23.47 24.64 38.12
C GLY A 145 22.86 23.30 38.51
N GLY A 146 21.66 23.36 39.10
CA GLY A 146 20.95 22.15 39.52
C GLY A 146 20.40 21.25 38.43
N LEU A 147 20.15 21.81 37.24
CA LEU A 147 19.60 21.05 36.12
C LEU A 147 20.51 19.97 35.57
N GLN A 148 21.80 20.26 35.48
CA GLN A 148 22.81 19.30 35.01
C GLN A 148 22.85 18.11 35.97
N LYS A 149 22.78 18.42 37.27
CA LYS A 149 22.79 17.43 38.36
C LYS A 149 21.51 16.56 38.35
N MET A 150 20.37 17.19 38.10
CA MET A 150 19.07 16.50 38.05
C MET A 150 18.92 15.54 36.88
N VAL A 151 19.37 15.96 35.69
CA VAL A 151 19.30 15.13 34.48
C VAL A 151 20.25 13.94 34.66
N ALA A 152 21.41 14.19 35.29
CA ALA A 152 22.42 13.16 35.56
C ALA A 152 21.91 12.07 36.50
N LEU A 153 20.87 12.39 37.26
CA LEU A 153 20.25 11.45 38.21
C LEU A 153 19.12 10.62 37.60
N LEU A 154 18.88 10.77 36.29
CA LEU A 154 17.83 9.99 35.63
C LEU A 154 18.23 8.55 35.29
N ASN A 155 19.43 8.17 35.75
CA ASN A 155 19.99 6.83 35.58
C ASN A 155 19.58 5.95 36.78
N LYS A 156 18.96 6.57 37.79
CA LYS A 156 18.54 5.86 39.01
C LYS A 156 17.35 4.92 38.81
N THR A 157 17.12 4.05 39.80
CA THR A 157 16.09 3.02 39.68
C THR A 157 14.81 3.16 40.52
N ASN A 158 14.87 3.93 41.61
CA ASN A 158 13.69 4.13 42.46
C ASN A 158 12.68 4.99 41.69
N VAL A 159 11.52 4.41 41.40
CA VAL A 159 10.45 5.05 40.63
C VAL A 159 9.86 6.34 41.20
N LYS A 160 9.69 6.39 42.52
CA LYS A 160 9.14 7.57 43.19
C LYS A 160 10.15 8.71 43.18
N PHE A 161 11.44 8.36 43.28
CA PHE A 161 12.55 9.33 43.25
C PHE A 161 12.62 9.98 41.88
N LEU A 162 12.51 9.14 40.85
CA LEU A 162 12.54 9.56 39.45
C LEU A 162 11.37 10.48 39.13
N ALA A 163 10.20 10.18 39.72
CA ALA A 163 8.98 10.98 39.56
C ALA A 163 9.08 12.39 40.15
N ILE A 164 9.84 12.53 41.25
CA ILE A 164 10.05 13.83 41.90
C ILE A 164 11.09 14.61 41.09
N THR A 165 12.16 13.91 40.69
CA THR A 165 13.27 14.48 39.94
C THR A 165 12.80 14.96 38.58
N THR A 166 11.85 14.23 38.00
CA THR A 166 11.29 14.59 36.72
C THR A 166 10.33 15.79 36.87
N ASP A 167 9.64 15.88 38.03
CA ASP A 167 8.74 17.00 38.28
C ASP A 167 9.52 18.29 38.51
N CYS A 168 10.71 18.16 39.10
CA CYS A 168 11.60 19.29 39.33
C CYS A 168 12.02 19.84 37.97
N LEU A 169 12.29 18.93 37.03
CA LEU A 169 12.67 19.30 35.67
C LEU A 169 11.55 20.01 34.92
N GLN A 170 10.32 19.58 35.14
CA GLN A 170 9.12 20.17 34.52
C GLN A 170 8.94 21.63 34.99
N ILE A 171 8.98 21.84 36.31
CA ILE A 171 8.82 23.14 36.95
C ILE A 171 9.89 24.12 36.45
N LEU A 172 11.11 23.62 36.34
CA LEU A 172 12.25 24.43 35.88
C LEU A 172 12.23 24.72 34.40
N ALA A 173 11.84 23.73 33.61
CA ALA A 173 11.80 23.85 32.15
C ALA A 173 10.66 24.69 31.59
N TYR A 174 9.49 24.64 32.24
CA TYR A 174 8.30 25.36 31.79
C TYR A 174 8.53 26.85 31.53
N GLY A 175 8.38 27.23 30.26
CA GLY A 175 8.52 28.61 29.83
C GLY A 175 9.91 29.24 29.86
N ASN A 176 10.94 28.44 30.13
CA ASN A 176 12.32 28.93 30.22
C ASN A 176 13.22 28.24 29.17
N GLN A 177 13.61 29.02 28.15
CA GLN A 177 14.46 28.55 27.05
C GLN A 177 15.83 28.00 27.47
N GLU A 178 16.52 28.75 28.34
CA GLU A 178 17.85 28.39 28.84
C GLU A 178 17.88 27.04 29.55
N SER A 179 16.89 26.83 30.42
CA SER A 179 16.81 25.57 31.17
C SER A 179 16.45 24.37 30.31
N LYS A 180 15.77 24.60 29.18
CA LYS A 180 15.40 23.55 28.23
C LYS A 180 16.66 23.11 27.47
N LEU A 181 17.51 24.09 27.17
CA LEU A 181 18.78 23.87 26.48
C LEU A 181 19.79 23.13 27.35
N ILE A 182 19.79 23.40 28.66
CA ILE A 182 20.70 22.72 29.59
C ILE A 182 20.33 21.24 29.69
N ILE A 183 19.02 20.97 29.78
CA ILE A 183 18.47 19.62 29.85
C ILE A 183 18.91 18.83 28.60
N LEU A 184 18.83 19.50 27.45
CA LEU A 184 19.22 18.96 26.14
C LEU A 184 20.72 18.69 26.10
N ALA A 185 21.52 19.71 26.43
CA ALA A 185 22.97 19.61 26.45
C ALA A 185 23.49 18.51 27.37
N SER A 186 22.70 18.15 28.37
CA SER A 186 23.10 17.12 29.32
C SER A 186 22.49 15.73 29.16
N GLY A 187 22.07 15.41 27.92
CA GLY A 187 21.50 14.10 27.62
C GLY A 187 20.08 13.84 28.09
N GLY A 188 19.33 14.93 28.30
CA GLY A 188 17.95 14.88 28.75
C GLY A 188 17.00 14.03 27.92
N PRO A 189 16.75 14.34 26.62
CA PRO A 189 15.86 13.58 25.73
C PRO A 189 16.04 12.07 25.80
N GLN A 190 17.30 11.61 25.68
CA GLN A 190 17.61 10.18 25.72
C GLN A 190 17.25 9.52 27.07
N ALA A 191 17.55 10.23 28.16
CA ALA A 191 17.28 9.75 29.52
C ALA A 191 15.78 9.67 29.81
N LEU A 192 15.03 10.60 29.22
CA LEU A 192 13.58 10.67 29.37
C LEU A 192 12.87 9.62 28.51
N VAL A 193 13.39 9.41 27.30
CA VAL A 193 12.85 8.40 26.36
C VAL A 193 13.09 7.00 26.95
N ASN A 194 14.24 6.83 27.63
CA ASN A 194 14.59 5.57 28.29
C ASN A 194 13.56 5.22 29.36
N ILE A 195 13.12 6.23 30.12
CA ILE A 195 12.12 6.07 31.18
C ILE A 195 10.74 5.59 30.66
N MET A 196 10.27 6.14 29.54
CA MET A 196 8.98 5.78 28.94
C MET A 196 8.94 4.32 28.47
N ARG A 197 10.06 3.86 27.94
CA ARG A 197 10.12 2.48 27.48
C ARG A 197 10.74 1.49 28.48
N THR A 198 10.58 1.78 29.77
CA THR A 198 11.13 0.94 30.85
C THR A 198 10.22 0.75 32.06
N TYR A 199 9.76 1.86 32.65
CA TYR A 199 8.95 1.82 33.87
C TYR A 199 7.44 1.75 33.66
N THR A 200 6.77 1.15 34.64
CA THR A 200 5.31 0.94 34.61
C THR A 200 4.56 1.93 35.51
N TYR A 201 5.26 2.47 36.51
CA TYR A 201 4.70 3.42 37.48
C TYR A 201 4.10 4.64 36.78
N GLU A 202 2.77 4.72 36.85
CA GLU A 202 1.97 5.77 36.19
C GLU A 202 2.40 7.20 36.51
N LYS A 203 2.62 7.51 37.78
CA LYS A 203 3.02 8.85 38.19
C LYS A 203 4.36 9.31 37.61
N LEU A 204 5.23 8.35 37.28
CA LEU A 204 6.51 8.66 36.66
C LEU A 204 6.32 8.91 35.18
N LEU A 205 5.59 8.01 34.51
CA LEU A 205 5.32 8.10 33.07
C LEU A 205 4.60 9.39 32.69
N TRP A 206 3.62 9.78 33.53
CA TRP A 206 2.84 11.00 33.33
C TRP A 206 3.72 12.23 33.52
N THR A 207 4.54 12.23 34.57
CA THR A 207 5.42 13.36 34.86
C THR A 207 6.52 13.45 33.78
N THR A 208 7.00 12.30 33.30
CA THR A 208 7.99 12.27 32.25
C THR A 208 7.41 12.77 30.93
N SER A 209 6.13 12.45 30.66
CA SER A 209 5.51 12.91 29.42
C SER A 209 5.31 14.42 29.43
N ARG A 210 5.12 14.97 30.64
CA ARG A 210 4.95 16.41 30.82
C ARG A 210 6.23 17.19 30.56
N VAL A 211 7.38 16.61 30.94
CA VAL A 211 8.69 17.23 30.69
C VAL A 211 8.93 17.18 29.18
N LEU A 212 8.61 16.02 28.58
CA LEU A 212 8.76 15.85 27.13
C LEU A 212 7.86 16.80 26.34
N LYS A 213 6.68 17.10 26.91
CA LYS A 213 5.70 18.00 26.31
C LYS A 213 6.25 19.42 26.31
N VAL A 214 6.91 19.79 27.40
CA VAL A 214 7.52 21.10 27.58
C VAL A 214 8.73 21.25 26.64
N LEU A 215 9.53 20.19 26.53
CA LEU A 215 10.72 20.18 25.68
C LEU A 215 10.38 20.16 24.19
N SER A 216 9.23 19.60 23.85
CA SER A 216 8.80 19.47 22.46
C SER A 216 8.49 20.76 21.71
N VAL A 217 8.34 21.87 22.43
CA VAL A 217 8.06 23.16 21.79
C VAL A 217 9.33 23.95 21.47
N CYS A 218 10.47 23.47 21.97
CA CYS A 218 11.79 24.08 21.73
C CYS A 218 12.32 23.53 20.40
N SER A 219 12.67 24.45 19.48
CA SER A 219 13.18 24.09 18.15
C SER A 219 14.44 23.23 18.08
N SER A 220 15.21 23.17 19.16
CA SER A 220 16.41 22.33 19.18
C SER A 220 16.20 21.01 19.93
N ASN A 221 15.35 21.01 20.96
CA ASN A 221 15.02 19.80 21.73
C ASN A 221 14.14 18.85 20.91
N LYS A 222 13.28 19.44 20.07
CA LYS A 222 12.35 18.74 19.18
C LYS A 222 13.04 17.68 18.28
N PRO A 223 14.00 18.05 17.38
CA PRO A 223 14.62 16.98 16.58
C PRO A 223 15.49 15.96 17.35
N ALA A 224 15.85 16.30 18.59
CA ALA A 224 16.66 15.43 19.44
C ALA A 224 15.82 14.34 20.13
N ILE A 225 14.56 14.65 20.45
CA ILE A 225 13.64 13.68 21.08
C ILE A 225 13.25 12.67 20.00
N VAL A 226 13.12 13.17 18.75
CA VAL A 226 12.77 12.36 17.58
C VAL A 226 13.87 11.33 17.29
N GLU A 227 15.13 11.78 17.20
CA GLU A 227 16.25 10.88 16.95
C GLU A 227 16.59 9.93 18.11
N ALA A 228 16.02 10.20 19.28
CA ALA A 228 16.22 9.35 20.46
C ALA A 228 15.20 8.21 20.48
N GLY A 229 14.32 8.19 19.48
CA GLY A 229 13.28 7.18 19.36
C GLY A 229 12.06 7.55 20.18
N GLY A 230 11.88 8.87 20.37
CA GLY A 230 10.77 9.41 21.14
C GLY A 230 9.36 9.22 20.61
N MET A 231 9.20 9.18 19.29
CA MET A 231 7.89 8.99 18.65
C MET A 231 7.33 7.61 18.96
N GLN A 232 8.18 6.60 18.82
CA GLN A 232 7.86 5.21 19.05
C GLN A 232 7.66 4.91 20.54
N ALA A 233 8.47 5.56 21.39
CA ALA A 233 8.41 5.39 22.84
C ALA A 233 7.15 5.98 23.45
N LEU A 234 6.69 7.12 22.91
CA LEU A 234 5.46 7.76 23.36
C LEU A 234 4.28 6.99 22.80
N GLY A 235 4.53 6.33 21.66
CA GLY A 235 3.54 5.51 20.97
C GLY A 235 3.11 4.29 21.78
N LEU A 236 3.99 3.85 22.68
CA LEU A 236 3.77 2.68 23.54
C LEU A 236 2.71 2.87 24.62
N HIS A 237 2.38 4.11 24.92
CA HIS A 237 1.42 4.41 25.99
C HIS A 237 0.04 4.88 25.59
N LEU A 238 -0.23 4.94 24.29
CA LEU A 238 -1.52 5.41 23.78
C LEU A 238 -2.71 4.48 24.04
N THR A 239 -2.44 3.31 24.63
CA THR A 239 -3.43 2.28 24.94
C THR A 239 -3.56 2.12 26.49
N ASP A 240 -2.90 3.01 27.24
CA ASP A 240 -2.91 2.96 28.71
C ASP A 240 -4.24 3.45 29.34
N PRO A 241 -4.70 2.80 30.46
CA PRO A 241 -5.95 3.19 31.13
C PRO A 241 -6.11 4.66 31.55
N SER A 242 -5.04 5.27 32.08
CA SER A 242 -5.11 6.68 32.53
C SER A 242 -5.03 7.62 31.34
N GLN A 243 -6.10 8.40 31.17
CA GLN A 243 -6.23 9.34 30.09
C GLN A 243 -5.27 10.52 30.12
N ARG A 244 -4.76 10.84 31.31
CA ARG A 244 -3.81 11.95 31.45
C ARG A 244 -2.47 11.62 30.78
N LEU A 245 -2.09 10.35 30.81
CA LEU A 245 -0.86 9.87 30.19
C LEU A 245 -1.02 9.81 28.66
N VAL A 246 -2.15 9.25 28.20
CA VAL A 246 -2.47 9.12 26.76
C VAL A 246 -2.49 10.52 26.13
N GLN A 247 -3.16 11.44 26.81
CA GLN A 247 -3.30 12.82 26.34
C GLN A 247 -1.99 13.63 26.30
N ASN A 248 -1.12 13.41 27.29
CA ASN A 248 0.16 14.10 27.33
C ASN A 248 1.10 13.57 26.26
N CYS A 249 1.02 12.26 26.00
CA CYS A 249 1.82 11.63 24.94
C CYS A 249 1.35 12.18 23.59
N LEU A 250 0.03 12.34 23.45
CA LEU A 250 -0.58 12.87 22.22
C LEU A 250 -0.20 14.31 21.90
N TRP A 251 -0.23 15.17 22.93
CA TRP A 251 0.16 16.57 22.77
C TRP A 251 1.66 16.69 22.43
N THR A 252 2.46 15.79 23.02
CA THR A 252 3.90 15.78 22.81
C THR A 252 4.17 15.30 21.38
N LEU A 253 3.52 14.19 21.00
CA LEU A 253 3.64 13.62 19.64
C LEU A 253 3.19 14.61 18.58
N ARG A 254 2.18 15.43 18.92
CA ARG A 254 1.66 16.43 17.99
C ARG A 254 2.64 17.56 17.78
N ASN A 255 3.30 17.99 18.85
CA ASN A 255 4.31 19.05 18.76
C ASN A 255 5.53 18.55 17.98
N LEU A 256 5.91 17.30 18.21
CA LEU A 256 7.06 16.68 17.55
C LEU A 256 6.85 16.31 16.08
N SER A 257 5.60 16.03 15.71
CA SER A 257 5.24 15.57 14.36
C SER A 257 5.76 16.35 13.14
N ASP A 258 5.90 17.67 13.25
CA ASP A 258 6.40 18.48 12.14
C ASP A 258 7.93 18.38 11.91
N ALA A 259 8.58 17.56 12.74
CA ALA A 259 10.02 17.31 12.66
C ALA A 259 10.34 15.82 12.55
N ALA A 260 9.30 14.99 12.50
CA ALA A 260 9.46 13.53 12.39
C ALA A 260 9.11 12.97 11.00
N THR A 261 9.08 13.85 10.01
CA THR A 261 8.79 13.55 8.60
C THR A 261 9.68 12.48 7.97
N LYS A 262 10.93 12.42 8.41
CA LYS A 262 11.91 11.50 7.87
C LYS A 262 12.23 10.27 8.74
N GLN A 263 11.50 10.12 9.84
CA GLN A 263 11.68 9.02 10.78
C GLN A 263 11.12 7.69 10.28
N GLU A 264 11.96 6.67 10.30
CA GLU A 264 11.61 5.31 9.87
C GLU A 264 11.11 4.51 11.08
N GLY A 265 10.54 3.33 10.81
CA GLY A 265 10.03 2.46 11.86
C GLY A 265 8.83 3.02 12.59
N MET A 266 7.90 3.58 11.82
CA MET A 266 6.69 4.23 12.34
C MET A 266 5.38 3.47 12.22
N GLU A 267 5.42 2.26 11.65
CA GLU A 267 4.26 1.37 11.43
C GLU A 267 3.26 1.30 12.58
N GLY A 268 3.79 1.08 13.78
CA GLY A 268 2.98 0.97 14.98
C GLY A 268 2.28 2.22 15.45
N LEU A 269 2.99 3.34 15.42
CA LEU A 269 2.44 4.62 15.83
C LEU A 269 1.30 5.00 14.87
N LEU A 270 1.55 4.87 13.56
CA LEU A 270 0.58 5.19 12.50
C LEU A 270 -0.71 4.37 12.63
N GLY A 271 -0.56 3.09 12.95
CA GLY A 271 -1.68 2.18 13.11
C GLY A 271 -2.52 2.47 14.34
N THR A 272 -1.87 2.88 15.43
CA THR A 272 -2.54 3.21 16.70
C THR A 272 -3.33 4.52 16.56
N LEU A 273 -2.75 5.51 15.88
CA LEU A 273 -3.41 6.81 15.67
C LEU A 273 -4.66 6.67 14.79
N VAL A 274 -4.60 5.74 13.84
CA VAL A 274 -5.74 5.46 12.96
C VAL A 274 -6.90 4.88 13.77
N GLN A 275 -6.55 4.09 14.79
CA GLN A 275 -7.50 3.45 15.71
C GLN A 275 -8.07 4.52 16.64
N LEU A 276 -7.23 5.48 17.03
CA LEU A 276 -7.63 6.57 17.92
C LEU A 276 -8.61 7.59 17.35
N LEU A 277 -8.75 7.60 16.02
CA LEU A 277 -9.69 8.51 15.34
C LEU A 277 -11.15 8.12 15.63
N GLY A 278 -11.34 6.89 16.11
CA GLY A 278 -12.65 6.37 16.45
C GLY A 278 -13.10 6.54 17.90
N SER A 279 -12.32 7.25 18.71
CA SER A 279 -12.69 7.46 20.12
C SER A 279 -13.73 8.56 20.28
N ASP A 280 -14.48 8.50 21.38
CA ASP A 280 -15.52 9.48 21.67
C ASP A 280 -14.97 10.75 22.36
N ASP A 281 -13.67 10.74 22.61
CA ASP A 281 -12.96 11.84 23.25
C ASP A 281 -12.49 12.82 22.16
N ILE A 282 -12.96 14.05 22.27
CA ILE A 282 -12.69 15.14 21.33
C ILE A 282 -11.19 15.50 21.19
N ASN A 283 -10.48 15.52 22.31
CA ASN A 283 -9.05 15.86 22.31
C ASN A 283 -8.13 14.79 21.73
N VAL A 284 -8.54 13.54 21.87
CA VAL A 284 -7.79 12.39 21.35
C VAL A 284 -7.88 12.41 19.82
N VAL A 285 -9.09 12.61 19.31
CA VAL A 285 -9.38 12.64 17.87
C VAL A 285 -8.68 13.81 17.17
N THR A 286 -8.69 14.98 17.82
CA THR A 286 -8.08 16.21 17.30
C THR A 286 -6.57 16.05 17.16
N CYS A 287 -5.95 15.44 18.18
CA CYS A 287 -4.52 15.20 18.19
C CYS A 287 -4.10 14.15 17.18
N ALA A 288 -4.82 13.02 17.18
CA ALA A 288 -4.55 11.90 16.26
C ALA A 288 -4.68 12.32 14.80
N ALA A 289 -5.60 13.24 14.52
CA ALA A 289 -5.81 13.75 13.17
C ALA A 289 -4.68 14.69 12.78
N GLY A 290 -4.19 15.45 13.77
CA GLY A 290 -3.08 16.38 13.59
C GLY A 290 -1.75 15.68 13.38
N ILE A 291 -1.53 14.59 14.11
CA ILE A 291 -0.30 13.80 14.00
C ILE A 291 -0.24 13.09 12.65
N LEU A 292 -1.38 12.55 12.23
CA LEU A 292 -1.48 11.85 10.96
C LEU A 292 -1.21 12.74 9.77
N SER A 293 -1.70 13.99 9.78
CA SER A 293 -1.44 14.89 8.65
C SER A 293 0.05 15.22 8.51
N ASN A 294 0.72 15.48 9.63
CA ASN A 294 2.15 15.77 9.61
C ASN A 294 3.00 14.55 9.25
N LEU A 295 2.69 13.37 9.79
CA LEU A 295 3.47 12.16 9.49
C LEU A 295 3.22 11.59 8.09
N THR A 296 2.16 12.08 7.45
CA THR A 296 1.78 11.69 6.11
C THR A 296 2.39 12.70 5.12
N CYS A 297 3.01 13.73 5.66
CA CYS A 297 3.65 14.78 4.87
C CYS A 297 4.98 14.37 4.20
N ASN A 298 5.00 14.35 2.87
CA ASN A 298 6.17 14.01 2.03
C ASN A 298 6.89 12.69 2.29
N ASN A 299 6.26 11.81 3.05
CA ASN A 299 6.83 10.52 3.37
C ASN A 299 5.97 9.46 2.70
N TYR A 300 6.40 8.98 1.53
CA TYR A 300 5.66 7.98 0.75
C TYR A 300 5.40 6.67 1.50
N LYS A 301 6.37 6.24 2.32
CA LYS A 301 6.27 5.01 3.10
C LYS A 301 5.18 5.10 4.16
N ASN A 302 5.05 6.26 4.78
CA ASN A 302 4.01 6.49 5.80
C ASN A 302 2.63 6.54 5.14
N LYS A 303 2.58 7.13 3.93
CA LYS A 303 1.36 7.24 3.16
C LYS A 303 0.83 5.86 2.82
N MET A 304 1.73 4.99 2.34
CA MET A 304 1.43 3.61 1.98
C MET A 304 0.94 2.79 3.17
N MET A 305 1.56 3.00 4.33
CA MET A 305 1.19 2.29 5.55
C MET A 305 -0.16 2.71 6.13
N VAL A 306 -0.48 4.02 6.10
CA VAL A 306 -1.75 4.54 6.61
C VAL A 306 -2.92 4.00 5.77
N CYS A 307 -2.73 3.90 4.45
CA CYS A 307 -3.75 3.37 3.53
C CYS A 307 -4.01 1.87 3.80
N GLN A 308 -2.96 1.17 4.22
CA GLN A 308 -3.02 -0.26 4.50
C GLN A 308 -3.58 -0.70 5.84
N VAL A 309 -3.73 0.26 6.77
CA VAL A 309 -4.28 -0.05 8.10
C VAL A 309 -5.69 0.53 8.30
N GLY A 310 -6.36 0.82 7.18
CA GLY A 310 -7.70 1.38 7.20
C GLY A 310 -7.76 2.84 7.57
N GLY A 311 -6.77 3.59 7.12
CA GLY A 311 -6.66 5.02 7.40
C GLY A 311 -7.64 5.92 6.67
N ILE A 312 -7.90 5.63 5.39
CA ILE A 312 -8.81 6.40 4.56
C ILE A 312 -10.24 6.36 5.11
N GLU A 313 -10.73 5.15 5.43
CA GLU A 313 -12.07 4.96 5.99
C GLU A 313 -12.19 5.70 7.32
N ALA A 314 -11.16 5.52 8.15
CA ALA A 314 -11.09 6.15 9.47
C ALA A 314 -11.14 7.66 9.39
N LEU A 315 -10.46 8.23 8.39
CA LEU A 315 -10.43 9.66 8.20
C LEU A 315 -11.72 10.22 7.60
N VAL A 316 -12.41 9.41 6.79
CA VAL A 316 -13.68 9.81 6.19
C VAL A 316 -14.75 9.80 7.30
N ARG A 317 -14.66 8.78 8.16
CA ARG A 317 -15.55 8.59 9.31
C ARG A 317 -15.37 9.73 10.33
N THR A 318 -14.13 10.20 10.47
CA THR A 318 -13.75 11.28 11.37
C THR A 318 -14.35 12.63 10.94
N VAL A 319 -14.27 12.90 9.62
CA VAL A 319 -14.79 14.13 9.02
C VAL A 319 -16.33 14.17 9.11
N LEU A 320 -16.97 13.00 8.90
CA LEU A 320 -18.43 12.87 8.96
C LEU A 320 -18.90 13.18 10.37
N ARG A 321 -18.19 12.60 11.34
CA ARG A 321 -18.45 12.74 12.77
C ARG A 321 -18.22 14.14 13.33
N ALA A 322 -17.24 14.85 12.75
CA ALA A 322 -16.85 16.20 13.19
C ALA A 322 -17.80 17.36 12.88
N GLY A 323 -18.38 17.34 11.68
CA GLY A 323 -19.30 18.39 11.28
C GLY A 323 -18.61 19.70 10.96
N ASP A 324 -18.96 20.74 11.73
CA ASP A 324 -18.39 22.08 11.54
C ASP A 324 -17.08 22.34 12.33
N ARG A 325 -16.68 21.35 13.13
CA ARG A 325 -15.47 21.46 13.96
C ARG A 325 -14.18 21.36 13.13
N GLU A 326 -13.63 22.52 12.80
CA GLU A 326 -12.41 22.65 12.00
C GLU A 326 -11.09 22.24 12.64
N ASP A 327 -11.10 22.07 13.96
CA ASP A 327 -9.94 21.61 14.75
C ASP A 327 -9.62 20.18 14.34
N ILE A 328 -10.69 19.45 13.97
CA ILE A 328 -10.62 18.06 13.55
C ILE A 328 -10.64 17.95 12.03
N THR A 329 -11.50 18.73 11.39
CA THR A 329 -11.69 18.68 9.94
C THR A 329 -10.48 19.12 9.09
N GLU A 330 -9.83 20.24 9.44
CA GLU A 330 -8.66 20.72 8.68
C GLU A 330 -7.50 19.70 8.63
N PRO A 331 -7.03 19.15 9.79
CA PRO A 331 -5.94 18.17 9.65
C PRO A 331 -6.36 16.83 9.03
N ALA A 332 -7.63 16.46 9.23
CA ALA A 332 -8.17 15.22 8.66
C ALA A 332 -8.22 15.30 7.13
N ILE A 333 -8.68 16.45 6.60
CA ILE A 333 -8.76 16.68 5.16
C ILE A 333 -7.33 16.84 4.57
N CYS A 334 -6.41 17.43 5.35
CA CYS A 334 -5.01 17.59 4.91
C CYS A 334 -4.36 16.20 4.82
N ALA A 335 -4.67 15.33 5.79
CA ALA A 335 -4.16 13.95 5.81
C ALA A 335 -4.64 13.21 4.58
N LEU A 336 -5.92 13.41 4.24
CA LEU A 336 -6.52 12.81 3.07
C LEU A 336 -5.90 13.33 1.77
N ARG A 337 -5.53 14.61 1.74
CA ARG A 337 -4.94 15.21 0.54
C ARG A 337 -3.54 14.65 0.30
N HIS A 338 -2.82 14.38 1.38
CA HIS A 338 -1.45 13.86 1.29
C HIS A 338 -1.50 12.40 0.85
N LEU A 339 -2.47 11.65 1.36
CA LEU A 339 -2.67 10.22 1.06
C LEU A 339 -3.20 9.95 -0.33
N THR A 340 -3.57 11.01 -1.03
CA THR A 340 -4.18 10.92 -2.34
C THR A 340 -3.27 11.41 -3.48
N SER A 341 -1.97 11.54 -3.17
CA SER A 341 -1.00 12.00 -4.16
C SER A 341 0.41 11.52 -3.87
N ARG A 342 1.18 11.40 -4.95
CA ARG A 342 2.58 11.02 -4.96
C ARG A 342 3.07 9.78 -4.18
N HIS A 343 2.44 8.63 -4.46
CA HIS A 343 2.81 7.32 -3.90
C HIS A 343 2.06 6.20 -4.61
N GLN A 344 2.58 4.97 -4.49
CA GLN A 344 2.03 3.77 -5.12
C GLN A 344 0.59 3.41 -4.77
N GLU A 345 0.13 3.84 -3.61
CA GLU A 345 -1.23 3.56 -3.15
C GLU A 345 -2.20 4.75 -3.29
N ALA A 346 -1.78 5.80 -4.01
CA ALA A 346 -2.61 7.00 -4.23
C ALA A 346 -3.91 6.69 -4.97
N GLU A 347 -3.80 5.83 -5.99
CA GLU A 347 -4.90 5.37 -6.85
C GLU A 347 -5.95 4.64 -6.00
N MET A 348 -5.49 3.80 -5.07
CA MET A 348 -6.36 3.04 -4.16
C MET A 348 -7.07 4.01 -3.21
N ALA A 349 -6.32 4.99 -2.71
CA ALA A 349 -6.83 5.99 -1.78
C ALA A 349 -7.90 6.90 -2.39
N GLN A 350 -7.70 7.23 -3.67
CA GLN A 350 -8.61 8.06 -4.46
C GLN A 350 -9.97 7.37 -4.58
N ASN A 351 -9.94 6.06 -4.81
CA ASN A 351 -11.14 5.23 -4.94
C ASN A 351 -11.78 4.97 -3.58
N ALA A 352 -10.94 4.73 -2.57
CA ALA A 352 -11.41 4.45 -1.21
C ALA A 352 -12.27 5.56 -0.59
N VAL A 353 -11.95 6.82 -0.89
CA VAL A 353 -12.71 7.98 -0.37
C VAL A 353 -14.16 7.88 -0.89
N ARG A 354 -14.29 7.49 -2.16
CA ARG A 354 -15.60 7.31 -2.80
C ARG A 354 -16.32 6.09 -2.24
N LEU A 355 -15.61 4.96 -2.19
CA LEU A 355 -16.15 3.68 -1.69
C LEU A 355 -16.57 3.68 -0.22
N HIS A 356 -16.05 4.65 0.53
CA HIS A 356 -16.40 4.78 1.94
C HIS A 356 -17.32 5.97 2.17
N TYR A 357 -18.04 6.33 1.10
CA TYR A 357 -19.03 7.43 1.05
C TYR A 357 -18.49 8.78 1.51
N GLY A 358 -17.27 9.09 1.08
CA GLY A 358 -16.61 10.33 1.47
C GLY A 358 -16.84 11.55 0.62
N LEU A 359 -17.17 11.35 -0.66
CA LEU A 359 -17.42 12.49 -1.55
C LEU A 359 -18.50 13.50 -1.13
N PRO A 360 -19.68 13.04 -0.60
CA PRO A 360 -20.70 14.04 -0.19
C PRO A 360 -20.20 15.01 0.87
N VAL A 361 -19.48 14.50 1.88
CA VAL A 361 -18.95 15.34 2.95
C VAL A 361 -17.78 16.26 2.52
N VAL A 362 -16.93 15.75 1.63
CA VAL A 362 -15.79 16.51 1.12
C VAL A 362 -16.29 17.70 0.31
N VAL A 363 -17.34 17.49 -0.49
CA VAL A 363 -17.91 18.57 -1.30
C VAL A 363 -18.67 19.58 -0.40
N LYS A 364 -19.28 19.09 0.68
CA LYS A 364 -20.03 19.92 1.64
C LYS A 364 -19.10 20.93 2.33
N LEU A 365 -17.86 20.54 2.56
CA LEU A 365 -16.89 21.41 3.22
C LEU A 365 -16.40 22.59 2.41
N LEU A 366 -16.74 22.63 1.12
CA LEU A 366 -16.37 23.75 0.24
C LEU A 366 -17.29 24.95 0.51
N HIS A 367 -18.45 24.65 1.10
CA HIS A 367 -19.51 25.62 1.42
C HIS A 367 -19.40 26.13 2.86
N PRO A 368 -20.01 27.29 3.20
CA PRO A 368 -19.94 27.81 4.58
C PRO A 368 -20.67 26.86 5.56
N PRO A 369 -20.41 26.95 6.90
CA PRO A 369 -19.56 27.77 7.78
C PRO A 369 -18.05 27.55 7.74
N SER A 370 -17.58 26.75 6.79
CA SER A 370 -16.13 26.47 6.70
C SER A 370 -15.27 27.66 6.24
N HIS A 371 -14.25 27.92 7.05
CA HIS A 371 -13.29 29.03 6.83
C HIS A 371 -12.28 28.76 5.72
N TRP A 372 -11.53 29.80 5.33
CA TRP A 372 -10.55 29.69 4.26
C TRP A 372 -9.47 28.62 4.28
N PRO A 373 -8.79 28.37 5.44
CA PRO A 373 -7.76 27.32 5.38
C PRO A 373 -8.32 25.93 5.07
N LEU A 374 -9.53 25.65 5.55
CA LEU A 374 -10.19 24.37 5.30
C LEU A 374 -10.62 24.24 3.84
N ILE A 375 -11.17 25.33 3.28
CA ILE A 375 -11.61 25.34 1.89
C ILE A 375 -10.43 25.11 0.94
N LYS A 376 -9.29 25.75 1.23
CA LYS A 376 -8.07 25.61 0.41
C LYS A 376 -7.59 24.16 0.40
N ALA A 377 -7.69 23.52 1.57
CA ALA A 377 -7.29 22.13 1.77
C ALA A 377 -8.24 21.17 1.03
N THR A 378 -9.54 21.48 1.11
CA THR A 378 -10.57 20.67 0.48
C THR A 378 -10.46 20.74 -1.04
N VAL A 379 -10.15 21.91 -1.57
CA VAL A 379 -9.98 22.11 -3.02
C VAL A 379 -8.81 21.24 -3.53
N GLY A 380 -7.72 21.23 -2.77
CA GLY A 380 -6.55 20.43 -3.11
C GLY A 380 -6.83 18.93 -3.05
N LEU A 381 -7.71 18.53 -2.13
CA LEU A 381 -8.12 17.13 -2.00
C LEU A 381 -8.98 16.73 -3.20
N ILE A 382 -9.83 17.64 -3.68
CA ILE A 382 -10.70 17.39 -4.82
C ILE A 382 -9.88 17.28 -6.11
N ARG A 383 -8.78 18.05 -6.19
CA ARG A 383 -7.87 18.05 -7.35
C ARG A 383 -7.29 16.65 -7.47
N ASN A 384 -6.89 16.12 -6.32
CA ASN A 384 -6.31 14.80 -6.19
C ASN A 384 -7.31 13.69 -6.46
N LEU A 385 -8.54 13.84 -5.97
CA LEU A 385 -9.59 12.83 -6.18
C LEU A 385 -10.00 12.75 -7.63
N ALA A 386 -9.89 13.88 -8.32
CA ALA A 386 -10.23 14.02 -9.73
C ALA A 386 -9.25 13.33 -10.67
N LEU A 387 -8.11 12.87 -10.14
CA LEU A 387 -7.10 12.16 -10.93
C LEU A 387 -7.60 10.74 -11.26
N CYS A 388 -8.48 10.23 -10.40
CA CYS A 388 -9.08 8.91 -10.58
C CYS A 388 -10.34 9.07 -11.46
N PRO A 389 -10.34 8.46 -12.68
CA PRO A 389 -11.51 8.55 -13.58
C PRO A 389 -12.85 8.08 -13.04
N ALA A 390 -12.82 7.21 -12.05
CA ALA A 390 -14.04 6.69 -11.42
C ALA A 390 -14.65 7.70 -10.43
N ASN A 391 -13.97 8.83 -10.25
CA ASN A 391 -14.43 9.89 -9.35
C ASN A 391 -14.98 11.09 -10.12
N HIS A 392 -14.77 11.09 -11.44
CA HIS A 392 -15.21 12.16 -12.35
C HIS A 392 -16.71 12.46 -12.35
N ALA A 393 -17.54 11.40 -12.34
CA ALA A 393 -18.99 11.54 -12.33
C ALA A 393 -19.59 11.75 -10.93
N PRO A 394 -19.11 11.01 -9.90
CA PRO A 394 -19.71 11.23 -8.57
C PRO A 394 -19.40 12.64 -8.00
N LEU A 395 -18.29 13.24 -8.43
CA LEU A 395 -17.89 14.58 -8.00
C LEU A 395 -18.78 15.61 -8.67
N ARG A 396 -19.19 15.32 -9.90
CA ARG A 396 -20.08 16.19 -10.66
C ARG A 396 -21.50 16.14 -10.03
N GLU A 397 -21.93 14.93 -9.68
CA GLU A 397 -23.23 14.70 -9.07
C GLU A 397 -23.42 15.31 -7.68
N GLN A 398 -22.31 15.62 -6.99
CA GLN A 398 -22.37 16.24 -5.67
C GLN A 398 -22.33 17.78 -5.75
N GLY A 399 -22.26 18.30 -6.97
CA GLY A 399 -22.23 19.72 -7.20
C GLY A 399 -20.91 20.42 -6.97
N ALA A 400 -19.81 19.71 -7.18
CA ALA A 400 -18.46 20.25 -6.97
C ALA A 400 -18.07 21.33 -7.96
N ILE A 401 -18.42 21.14 -9.23
CA ILE A 401 -18.06 22.11 -10.26
C ILE A 401 -18.69 23.51 -10.13
N PRO A 402 -20.03 23.66 -9.86
CA PRO A 402 -20.55 25.03 -9.73
C PRO A 402 -19.96 25.78 -8.55
N ARG A 403 -19.62 25.05 -7.48
CA ARG A 403 -19.03 25.63 -6.28
C ARG A 403 -17.57 26.04 -6.51
N LEU A 404 -16.82 25.21 -7.25
CA LEU A 404 -15.42 25.53 -7.56
C LEU A 404 -15.35 26.78 -8.45
N VAL A 405 -16.36 26.93 -9.32
CA VAL A 405 -16.45 28.09 -10.22
C VAL A 405 -16.82 29.33 -9.40
N GLN A 406 -17.72 29.18 -8.43
CA GLN A 406 -18.15 30.26 -7.54
C GLN A 406 -16.98 30.76 -6.67
N LEU A 407 -16.19 29.82 -6.16
CA LEU A 407 -15.02 30.13 -5.34
C LEU A 407 -13.95 30.85 -6.14
N LEU A 408 -13.79 30.43 -7.39
CA LEU A 408 -12.81 30.99 -8.33
C LEU A 408 -13.15 32.42 -8.72
N VAL A 409 -14.40 32.66 -9.10
CA VAL A 409 -14.83 33.98 -9.53
C VAL A 409 -14.73 35.03 -8.41
N ARG A 410 -15.29 34.73 -7.24
CA ARG A 410 -15.27 35.65 -6.10
C ARG A 410 -13.85 35.98 -5.63
N ALA A 411 -12.96 34.98 -5.71
CA ALA A 411 -11.55 35.11 -5.31
C ALA A 411 -10.80 35.97 -6.32
N HIS A 412 -11.14 35.81 -7.60
CA HIS A 412 -10.53 36.58 -8.68
C HIS A 412 -10.97 38.04 -8.63
N GLN A 413 -12.23 38.25 -8.26
CA GLN A 413 -12.82 39.60 -8.14
C GLN A 413 -12.21 40.39 -6.99
N ASP A 414 -11.69 39.67 -5.98
CA ASP A 414 -11.04 40.28 -4.81
C ASP A 414 -9.60 40.65 -5.17
N THR A 415 -9.03 39.93 -6.14
CA THR A 415 -7.68 40.18 -6.64
C THR A 415 -7.72 41.38 -7.61
N GLN A 416 -8.90 41.66 -8.17
CA GLN A 416 -9.08 42.78 -9.09
C GLN A 416 -9.28 44.11 -8.38
N ARG A 417 -9.89 44.09 -7.19
CA ARG A 417 -10.11 45.31 -6.42
C ARG A 417 -8.85 45.65 -5.61
N ARG A 418 -8.01 44.63 -5.41
CA ARG A 418 -6.74 44.75 -4.68
C ARG A 418 -5.53 44.92 -5.65
N THR A 419 -5.82 45.47 -6.85
CA THR A 419 -4.82 45.76 -7.89
C THR A 419 -4.64 47.28 -7.89
N SER A 420 -5.74 48.00 -7.69
CA SER A 420 -5.77 49.46 -7.65
C SER A 420 -6.41 49.97 -6.36
N GLN A 427 -3.34 40.99 0.03
CA GLN A 427 -3.02 40.60 1.43
C GLN A 427 -3.67 39.25 1.82
N PHE A 428 -3.67 38.95 3.11
CA PHE A 428 -4.24 37.70 3.65
C PHE A 428 -5.63 37.88 4.27
N VAL A 429 -6.51 36.91 4.03
CA VAL A 429 -7.87 36.86 4.58
C VAL A 429 -7.91 35.49 5.25
N GLU A 430 -8.01 35.48 6.59
CA GLU A 430 -8.02 34.26 7.43
C GLU A 430 -6.75 33.42 7.24
N GLY A 431 -5.66 34.11 6.88
CA GLY A 431 -4.35 33.50 6.67
C GLY A 431 -4.11 32.97 5.27
N VAL A 432 -5.07 33.19 4.37
CA VAL A 432 -4.99 32.71 2.99
C VAL A 432 -5.14 33.84 1.97
N ARG A 433 -4.24 33.86 0.98
CA ARG A 433 -4.26 34.84 -0.11
C ARG A 433 -5.31 34.35 -1.11
N MET A 434 -6.09 35.26 -1.70
CA MET A 434 -7.12 34.87 -2.66
C MET A 434 -6.55 34.33 -3.96
N GLU A 435 -5.25 34.57 -4.15
CA GLU A 435 -4.49 34.12 -5.31
C GLU A 435 -4.28 32.61 -5.21
N GLU A 436 -4.29 32.08 -3.99
CA GLU A 436 -4.13 30.64 -3.71
C GLU A 436 -5.42 29.87 -4.03
N ILE A 437 -6.57 30.51 -3.84
CA ILE A 437 -7.88 29.95 -4.11
C ILE A 437 -8.11 29.94 -5.62
N VAL A 438 -7.54 30.94 -6.31
CA VAL A 438 -7.65 31.03 -7.77
C VAL A 438 -6.85 29.88 -8.38
N GLU A 439 -5.62 29.69 -7.93
CA GLU A 439 -4.75 28.62 -8.41
C GLU A 439 -5.33 27.24 -8.09
N GLY A 440 -5.76 27.06 -6.84
CA GLY A 440 -6.34 25.80 -6.39
C GLY A 440 -7.60 25.38 -7.15
N CYS A 441 -8.58 26.29 -7.26
CA CYS A 441 -9.84 26.01 -7.95
C CYS A 441 -9.67 25.80 -9.45
N THR A 442 -8.79 26.59 -10.08
CA THR A 442 -8.57 26.44 -11.50
C THR A 442 -7.84 25.10 -11.75
N GLY A 443 -7.01 24.71 -10.79
CA GLY A 443 -6.27 23.46 -10.87
C GLY A 443 -7.14 22.23 -10.68
N ALA A 444 -8.20 22.38 -9.87
CA ALA A 444 -9.14 21.30 -9.62
C ALA A 444 -10.04 21.10 -10.85
N LEU A 445 -10.40 22.22 -11.49
CA LEU A 445 -11.23 22.22 -12.69
C LEU A 445 -10.45 21.68 -13.89
N HIS A 446 -9.14 21.92 -13.89
CA HIS A 446 -8.20 21.45 -14.93
C HIS A 446 -8.18 19.93 -14.97
N ILE A 447 -8.18 19.31 -13.79
CA ILE A 447 -8.18 17.86 -13.71
C ILE A 447 -9.58 17.28 -13.94
N LEU A 448 -10.60 18.00 -13.45
CA LEU A 448 -11.99 17.58 -13.62
C LEU A 448 -12.35 17.60 -15.11
N ALA A 449 -11.70 18.52 -15.83
CA ALA A 449 -11.90 18.71 -17.27
C ALA A 449 -11.41 17.58 -18.19
N ARG A 450 -11.03 16.44 -17.61
CA ARG A 450 -10.57 15.29 -18.39
C ARG A 450 -11.76 14.46 -18.87
N ASP A 451 -12.90 14.60 -18.18
CA ASP A 451 -14.15 13.92 -18.50
C ASP A 451 -14.94 14.82 -19.46
N VAL A 452 -15.55 14.21 -20.47
CA VAL A 452 -16.32 14.95 -21.49
C VAL A 452 -17.56 15.70 -20.96
N HIS A 453 -18.27 15.08 -20.01
CA HIS A 453 -19.46 15.69 -19.42
C HIS A 453 -19.08 16.84 -18.50
N ASN A 454 -17.94 16.70 -17.82
CA ASN A 454 -17.42 17.73 -16.92
C ASN A 454 -17.06 18.96 -17.73
N ARG A 455 -16.58 18.75 -18.95
CA ARG A 455 -16.19 19.84 -19.86
C ARG A 455 -17.38 20.66 -20.35
N ILE A 456 -18.53 20.00 -20.50
CA ILE A 456 -19.78 20.64 -20.93
C ILE A 456 -20.30 21.51 -19.78
N VAL A 457 -20.22 20.98 -18.57
CA VAL A 457 -20.64 21.66 -17.34
C VAL A 457 -19.79 22.92 -17.11
N ILE A 458 -18.47 22.77 -17.19
CA ILE A 458 -17.49 23.86 -16.99
C ILE A 458 -17.74 24.97 -18.00
N ARG A 459 -17.89 24.60 -19.27
CA ARG A 459 -18.14 25.56 -20.34
C ARG A 459 -19.51 26.25 -20.18
N GLY A 460 -20.52 25.47 -19.75
CA GLY A 460 -21.88 25.97 -19.56
C GLY A 460 -22.00 27.00 -18.45
N LEU A 461 -21.01 27.02 -17.55
CA LEU A 461 -20.96 27.96 -16.44
C LEU A 461 -20.41 29.33 -16.82
N ASN A 462 -20.13 29.50 -18.11
CA ASN A 462 -19.59 30.74 -18.72
C ASN A 462 -18.24 31.06 -18.06
N THR A 463 -17.39 30.05 -18.00
CA THR A 463 -16.11 30.19 -17.33
C THR A 463 -14.93 30.43 -18.31
N ILE A 464 -15.18 30.25 -19.61
CA ILE A 464 -14.15 30.49 -20.64
C ILE A 464 -13.64 31.96 -20.66
N PRO A 465 -14.54 32.99 -20.54
CA PRO A 465 -14.02 34.37 -20.54
C PRO A 465 -13.08 34.68 -19.36
N LEU A 466 -13.34 33.99 -18.23
CA LEU A 466 -12.56 34.13 -17.01
C LEU A 466 -11.19 33.47 -17.19
N PHE A 467 -11.19 32.24 -17.71
CA PHE A 467 -9.98 31.45 -17.96
C PHE A 467 -8.96 32.17 -18.86
N VAL A 468 -9.49 32.96 -19.81
CA VAL A 468 -8.69 33.75 -20.74
C VAL A 468 -8.05 34.94 -19.99
N GLN A 469 -8.81 35.53 -19.07
CA GLN A 469 -8.34 36.65 -18.26
C GLN A 469 -7.22 36.22 -17.31
N LEU A 470 -7.26 34.95 -16.92
CA LEU A 470 -6.27 34.36 -16.00
C LEU A 470 -4.90 34.06 -16.62
N LEU A 471 -4.80 34.28 -17.93
CA LEU A 471 -3.54 34.08 -18.65
C LEU A 471 -2.66 35.31 -18.51
N TYR A 472 -3.28 36.43 -18.14
CA TYR A 472 -2.61 37.71 -17.96
C TYR A 472 -2.06 37.95 -16.54
N SER A 473 -2.33 37.03 -15.61
CA SER A 473 -1.88 37.18 -14.22
C SER A 473 -0.36 37.09 -14.08
N PRO A 474 0.26 37.88 -13.17
CA PRO A 474 1.72 37.84 -12.97
C PRO A 474 2.23 36.55 -12.34
N ILE A 475 1.31 35.76 -11.78
CA ILE A 475 1.64 34.49 -11.14
C ILE A 475 1.68 33.36 -12.17
N GLU A 476 2.87 32.79 -12.31
CA GLU A 476 3.20 31.71 -13.23
C GLU A 476 2.32 30.46 -13.04
N ASN A 477 2.07 30.12 -11.77
CA ASN A 477 1.25 28.95 -11.44
C ASN A 477 -0.23 29.09 -11.81
N ILE A 478 -0.74 30.32 -11.88
CA ILE A 478 -2.13 30.58 -12.27
C ILE A 478 -2.22 30.48 -13.80
N GLN A 479 -1.16 30.90 -14.48
CA GLN A 479 -1.09 30.85 -15.95
C GLN A 479 -1.03 29.40 -16.41
N ARG A 480 -0.36 28.58 -15.61
CA ARG A 480 -0.19 27.15 -15.91
C ARG A 480 -1.52 26.41 -15.85
N VAL A 481 -2.28 26.62 -14.77
CA VAL A 481 -3.56 25.96 -14.61
C VAL A 481 -4.68 26.50 -15.49
N ALA A 482 -4.57 27.77 -15.88
CA ALA A 482 -5.55 28.42 -16.75
C ALA A 482 -5.39 27.94 -18.18
N ALA A 483 -4.14 27.89 -18.64
CA ALA A 483 -3.82 27.42 -19.99
C ALA A 483 -4.07 25.92 -20.05
N GLY A 484 -3.98 25.28 -18.89
CA GLY A 484 -4.21 23.85 -18.76
C GLY A 484 -5.66 23.47 -18.89
N VAL A 485 -6.56 24.25 -18.29
CA VAL A 485 -8.00 23.97 -18.38
C VAL A 485 -8.51 24.29 -19.78
N LEU A 486 -7.92 25.32 -20.40
CA LEU A 486 -8.28 25.71 -21.78
C LEU A 486 -7.80 24.64 -22.75
N CYS A 487 -6.73 23.95 -22.35
CA CYS A 487 -6.13 22.88 -23.14
C CYS A 487 -7.06 21.68 -23.20
N GLU A 488 -7.61 21.30 -22.04
CA GLU A 488 -8.54 20.18 -21.99
C GLU A 488 -9.86 20.54 -22.68
N LEU A 489 -10.31 21.77 -22.49
CA LEU A 489 -11.56 22.23 -23.11
C LEU A 489 -11.47 22.32 -24.64
N ALA A 490 -10.28 22.68 -25.14
CA ALA A 490 -10.01 22.83 -26.56
C ALA A 490 -9.98 21.56 -27.42
N GLN A 491 -10.12 20.39 -26.80
CA GLN A 491 -10.12 19.14 -27.56
C GLN A 491 -11.43 18.91 -28.31
N ASP A 492 -12.45 19.66 -27.91
CA ASP A 492 -13.78 19.64 -28.52
C ASP A 492 -13.80 20.91 -29.36
N LYS A 493 -14.09 20.77 -30.66
CA LYS A 493 -14.07 21.90 -31.61
C LYS A 493 -14.95 23.11 -31.33
N GLU A 494 -16.18 22.88 -30.83
CA GLU A 494 -17.13 23.97 -30.52
C GLU A 494 -16.59 24.83 -29.38
N ALA A 495 -15.90 24.18 -28.44
CA ALA A 495 -15.28 24.82 -27.28
C ALA A 495 -14.01 25.58 -27.68
N ALA A 496 -13.22 24.99 -28.58
CA ALA A 496 -11.98 25.59 -29.08
C ALA A 496 -12.26 26.87 -29.84
N GLU A 497 -13.38 26.87 -30.57
CA GLU A 497 -13.84 28.01 -31.36
C GLU A 497 -14.26 29.15 -30.45
N ALA A 498 -14.83 28.81 -29.29
CA ALA A 498 -15.26 29.78 -28.29
C ALA A 498 -14.07 30.44 -27.58
N ILE A 499 -12.98 29.68 -27.44
CA ILE A 499 -11.74 30.16 -26.82
C ILE A 499 -11.09 31.15 -27.79
N GLU A 500 -11.16 30.85 -29.08
CA GLU A 500 -10.62 31.69 -30.16
C GLU A 500 -11.41 33.01 -30.28
N ALA A 501 -12.73 32.90 -30.12
CA ALA A 501 -13.65 34.04 -30.19
C ALA A 501 -13.55 34.99 -28.99
N GLU A 502 -12.76 34.58 -27.99
CA GLU A 502 -12.57 35.35 -26.77
C GLU A 502 -11.26 36.16 -26.80
N GLY A 503 -10.55 36.09 -27.93
CA GLY A 503 -9.29 36.80 -28.09
C GLY A 503 -8.18 36.19 -27.26
N ALA A 504 -8.16 34.85 -27.25
CA ALA A 504 -7.16 34.10 -26.50
C ALA A 504 -5.88 33.83 -27.27
N THR A 505 -5.92 34.05 -28.59
CA THR A 505 -4.77 33.83 -29.48
C THR A 505 -3.56 34.70 -29.12
N ALA A 506 -3.80 35.98 -28.79
CA ALA A 506 -2.73 36.90 -28.43
C ALA A 506 -1.95 36.55 -27.13
N PRO A 507 -2.64 36.33 -25.97
CA PRO A 507 -1.86 35.99 -24.76
C PRO A 507 -1.24 34.59 -24.75
N LEU A 508 -1.86 33.64 -25.45
CA LEU A 508 -1.33 32.27 -25.52
C LEU A 508 -0.06 32.22 -26.39
N THR A 509 0.07 33.17 -27.32
CA THR A 509 1.23 33.27 -28.20
C THR A 509 2.36 33.95 -27.39
N GLU A 510 1.97 34.81 -26.45
CA GLU A 510 2.92 35.50 -25.59
C GLU A 510 3.40 34.54 -24.49
N LEU A 511 2.54 33.60 -24.12
CA LEU A 511 2.87 32.60 -23.10
C LEU A 511 3.65 31.41 -23.65
N LEU A 512 3.99 31.48 -24.94
CA LEU A 512 4.76 30.45 -25.62
C LEU A 512 6.25 30.68 -25.32
N HIS A 513 6.57 31.94 -25.02
CA HIS A 513 7.92 32.39 -24.70
C HIS A 513 8.22 32.33 -23.19
N SER A 514 7.36 31.68 -22.41
CA SER A 514 7.53 31.59 -20.95
C SER A 514 8.67 30.72 -20.44
N ARG A 515 9.07 31.00 -19.20
CA ARG A 515 10.14 30.31 -18.48
C ARG A 515 9.79 28.85 -18.17
N ASN A 516 8.58 28.66 -17.63
CA ASN A 516 8.06 27.35 -17.26
C ASN A 516 7.59 26.64 -18.53
N GLU A 517 8.14 25.45 -18.76
CA GLU A 517 7.83 24.63 -19.94
C GLU A 517 6.43 24.06 -19.90
N GLY A 518 5.83 24.07 -18.71
CA GLY A 518 4.47 23.57 -18.53
C GLY A 518 3.44 24.54 -19.07
N VAL A 519 3.67 25.84 -18.86
CA VAL A 519 2.79 26.90 -19.35
C VAL A 519 2.86 26.96 -20.88
N ALA A 520 4.07 26.89 -21.40
CA ALA A 520 4.34 26.95 -22.84
C ALA A 520 3.75 25.80 -23.65
N THR A 521 3.76 24.59 -23.07
CA THR A 521 3.22 23.39 -23.71
C THR A 521 1.70 23.53 -23.86
N TYR A 522 1.05 23.96 -22.76
CA TYR A 522 -0.39 24.16 -22.74
C TYR A 522 -0.81 25.29 -23.66
N ALA A 523 0.03 26.33 -23.74
CA ALA A 523 -0.23 27.48 -24.60
C ALA A 523 -0.17 27.07 -26.07
N ALA A 524 0.78 26.18 -26.39
CA ALA A 524 0.97 25.68 -27.75
C ALA A 524 -0.14 24.73 -28.17
N ALA A 525 -0.61 23.90 -27.24
CA ALA A 525 -1.67 22.92 -27.47
C ALA A 525 -3.02 23.55 -27.80
N VAL A 526 -3.33 24.70 -27.17
CA VAL A 526 -4.59 25.40 -27.41
C VAL A 526 -4.50 26.07 -28.79
N LEU A 527 -3.34 26.68 -29.09
CA LEU A 527 -3.10 27.36 -30.38
C LEU A 527 -3.24 26.41 -31.55
N PHE A 528 -2.77 25.18 -31.34
CA PHE A 528 -2.86 24.11 -32.34
C PHE A 528 -4.32 23.67 -32.48
N ARG A 529 -4.95 23.35 -31.36
CA ARG A 529 -6.34 22.90 -31.32
C ARG A 529 -7.41 23.88 -31.80
N MET A 530 -7.07 25.17 -31.85
CA MET A 530 -8.00 26.21 -32.31
C MET A 530 -8.17 26.26 -33.83
N SER A 531 -7.18 25.76 -34.57
CA SER A 531 -7.21 25.75 -36.03
C SER A 531 -7.28 24.33 -36.62
N GLU A 532 -6.28 23.50 -36.33
CA GLU A 532 -6.23 22.13 -36.83
C GLU A 532 -6.88 21.11 -35.88
N ALA B 14 -3.58 -14.18 35.63
CA ALA B 14 -2.16 -13.80 35.34
C ALA B 14 -1.21 -14.17 36.48
N GLU B 15 -1.77 -14.30 37.69
CA GLU B 15 -1.06 -14.64 38.94
C GLU B 15 0.11 -13.69 39.31
N LEU B 16 1.28 -14.25 39.65
CA LEU B 16 2.46 -13.45 40.03
C LEU B 16 3.27 -12.94 38.83
N ALA B 17 2.78 -13.21 37.61
CA ALA B 17 3.42 -12.78 36.37
C ALA B 17 3.20 -11.29 36.11
N THR B 18 2.22 -10.72 36.82
CA THR B 18 1.88 -9.30 36.72
C THR B 18 2.94 -8.47 37.48
N ARG B 19 3.75 -9.17 38.29
CA ARG B 19 4.84 -8.59 39.08
C ARG B 19 6.19 -8.88 38.40
N ALA B 20 6.26 -10.00 37.67
CA ALA B 20 7.48 -10.42 36.97
C ALA B 20 7.76 -9.70 35.65
N ILE B 21 6.70 -9.27 34.95
CA ILE B 21 6.84 -8.57 33.66
C ILE B 21 7.45 -7.14 33.73
N PRO B 22 7.04 -6.27 34.70
CA PRO B 22 7.65 -4.94 34.74
C PRO B 22 9.14 -4.96 35.10
N GLU B 23 9.54 -5.97 35.87
CA GLU B 23 10.92 -6.14 36.31
C GLU B 23 11.84 -6.60 35.18
N LEU B 24 11.36 -7.54 34.37
CA LEU B 24 12.12 -8.06 33.23
C LEU B 24 12.27 -7.05 32.09
N THR B 25 11.34 -6.08 32.03
CA THR B 25 11.37 -5.01 31.02
C THR B 25 12.53 -4.08 31.38
N LYS B 26 12.70 -3.83 32.68
CA LYS B 26 13.77 -2.97 33.22
C LYS B 26 15.14 -3.57 32.92
N LEU B 27 15.22 -4.89 33.05
CA LEU B 27 16.45 -5.66 32.80
C LEU B 27 16.81 -5.72 31.30
N LEU B 28 15.78 -5.70 30.45
CA LEU B 28 15.96 -5.74 29.00
C LEU B 28 16.42 -4.37 28.46
N ASN B 29 16.20 -3.32 29.25
CA ASN B 29 16.60 -1.95 28.89
C ASN B 29 17.90 -1.52 29.59
N ASP B 30 18.52 -2.46 30.31
CA ASP B 30 19.78 -2.21 31.03
C ASP B 30 20.90 -2.00 30.01
N GLU B 31 21.90 -1.21 30.37
CA GLU B 31 23.02 -0.96 29.46
C GLU B 31 24.07 -2.05 29.37
N ASP B 32 24.05 -2.96 30.34
CA ASP B 32 24.97 -4.10 30.37
C ASP B 32 24.30 -5.21 29.56
N GLN B 33 24.91 -5.54 28.42
CA GLN B 33 24.42 -6.57 27.51
C GLN B 33 24.34 -7.98 28.08
N VAL B 34 25.07 -8.21 29.17
CA VAL B 34 25.10 -9.52 29.87
C VAL B 34 23.79 -9.70 30.64
N VAL B 35 23.20 -8.60 31.10
CA VAL B 35 21.94 -8.59 31.86
C VAL B 35 20.73 -8.71 30.90
N VAL B 36 20.85 -8.07 29.74
CA VAL B 36 19.81 -8.08 28.70
C VAL B 36 19.63 -9.50 28.16
N ASN B 37 20.74 -10.16 27.85
CA ASN B 37 20.77 -11.53 27.32
C ASN B 37 20.22 -12.55 28.32
N LYS B 38 20.50 -12.34 29.60
CA LYS B 38 20.05 -13.23 30.69
C LYS B 38 18.54 -13.08 30.88
N ALA B 39 18.05 -11.84 30.70
CA ALA B 39 16.63 -11.54 30.83
C ALA B 39 15.83 -12.07 29.65
N ALA B 40 16.46 -12.07 28.46
CA ALA B 40 15.84 -12.56 27.23
C ALA B 40 15.55 -14.06 27.31
N VAL B 41 16.44 -14.78 28.01
CA VAL B 41 16.32 -16.23 28.22
C VAL B 41 15.17 -16.53 29.19
N MET B 42 15.02 -15.65 30.19
CA MET B 42 13.97 -15.77 31.20
C MET B 42 12.59 -15.44 30.63
N VAL B 43 12.54 -14.48 29.69
CA VAL B 43 11.29 -14.07 29.05
C VAL B 43 10.80 -15.18 28.11
N HIS B 44 11.76 -15.87 27.50
CA HIS B 44 11.52 -16.99 26.58
C HIS B 44 10.85 -18.16 27.30
N GLN B 45 11.33 -18.46 28.52
CA GLN B 45 10.78 -19.54 29.34
C GLN B 45 9.37 -19.25 29.82
N LEU B 46 9.05 -17.95 29.99
CA LEU B 46 7.72 -17.51 30.44
C LEU B 46 6.71 -17.50 29.31
N SER B 47 7.19 -17.39 28.07
CA SER B 47 6.30 -17.40 26.91
C SER B 47 5.85 -18.82 26.55
N LYS B 48 6.51 -19.81 27.18
CA LYS B 48 6.21 -21.22 27.00
C LYS B 48 5.02 -21.70 27.84
N LYS B 49 4.64 -20.92 28.86
CA LYS B 49 3.52 -21.28 29.75
C LYS B 49 2.13 -21.02 29.11
N GLU B 50 1.40 -20.00 29.58
CA GLU B 50 0.06 -19.68 29.06
C GLU B 50 -0.40 -18.30 29.54
N ALA B 51 -0.59 -18.19 30.86
CA ALA B 51 -1.04 -16.94 31.50
C ALA B 51 0.08 -15.90 31.54
N SER B 52 1.33 -16.37 31.58
CA SER B 52 2.49 -15.49 31.59
C SER B 52 2.86 -15.04 30.18
N ARG B 53 2.32 -15.74 29.18
CA ARG B 53 2.54 -15.42 27.76
C ARG B 53 1.57 -14.29 27.41
N HIS B 54 0.39 -14.34 28.02
CA HIS B 54 -0.66 -13.35 27.84
C HIS B 54 -0.28 -12.01 28.48
N ALA B 55 0.58 -12.07 29.50
CA ALA B 55 1.06 -10.89 30.21
C ALA B 55 2.10 -10.12 29.39
N ILE B 56 2.98 -10.88 28.70
CA ILE B 56 4.05 -10.35 27.83
C ILE B 56 3.38 -9.63 26.66
N MET B 57 2.30 -10.26 26.21
CA MET B 57 1.46 -9.83 25.10
C MET B 57 0.65 -8.57 25.40
N ARG B 58 0.33 -8.36 26.68
CA ARG B 58 -0.46 -7.22 27.15
C ARG B 58 0.33 -5.93 27.43
N SER B 59 1.65 -6.03 27.45
CA SER B 59 2.50 -4.85 27.70
C SER B 59 3.35 -4.48 26.50
N PRO B 60 3.08 -3.32 25.87
CA PRO B 60 3.82 -2.83 24.69
C PRO B 60 5.28 -2.54 24.97
N GLN B 61 5.60 -2.31 26.25
CA GLN B 61 6.94 -1.99 26.71
C GLN B 61 7.87 -3.20 26.67
N MET B 62 7.31 -4.34 27.08
CA MET B 62 8.02 -5.63 27.08
C MET B 62 8.30 -6.09 25.65
N VAL B 63 7.28 -6.00 24.80
CA VAL B 63 7.39 -6.42 23.39
C VAL B 63 8.35 -5.55 22.59
N SER B 64 8.41 -4.25 22.88
CA SER B 64 9.34 -3.35 22.18
C SER B 64 10.77 -3.54 22.67
N ALA B 65 10.90 -4.09 23.87
CA ALA B 65 12.19 -4.37 24.47
C ALA B 65 12.73 -5.65 23.85
N ILE B 66 11.83 -6.62 23.62
CA ILE B 66 12.17 -7.91 23.01
C ILE B 66 12.61 -7.70 21.56
N VAL B 67 11.88 -6.87 20.83
CA VAL B 67 12.17 -6.57 19.42
C VAL B 67 13.47 -5.78 19.24
N ARG B 68 13.67 -4.77 20.07
CA ARG B 68 14.87 -3.92 20.02
C ARG B 68 16.12 -4.77 20.27
N THR B 69 15.97 -5.77 21.15
CA THR B 69 17.05 -6.68 21.51
C THR B 69 17.37 -7.60 20.32
N MET B 70 16.35 -8.05 19.59
CA MET B 70 16.54 -8.91 18.42
C MET B 70 17.36 -8.31 17.31
N GLN B 71 16.97 -7.12 16.83
CA GLN B 71 17.72 -6.52 15.73
C GLN B 71 18.98 -5.73 16.03
N ASN B 72 19.40 -5.77 17.29
CA ASN B 72 20.61 -5.10 17.72
C ASN B 72 21.63 -6.07 18.30
N THR B 73 21.20 -7.27 18.69
CA THR B 73 22.10 -8.27 19.29
C THR B 73 22.92 -9.04 18.24
N ASN B 74 24.13 -9.42 18.64
CA ASN B 74 25.06 -10.18 17.81
C ASN B 74 25.39 -11.54 18.45
N ASP B 75 24.62 -11.91 19.46
CA ASP B 75 24.76 -13.18 20.17
C ASP B 75 23.66 -14.13 19.67
N VAL B 76 24.08 -15.30 19.19
CA VAL B 76 23.17 -16.32 18.65
C VAL B 76 22.14 -16.90 19.63
N GLU B 77 22.53 -17.07 20.90
CA GLU B 77 21.64 -17.63 21.92
C GLU B 77 20.50 -16.66 22.28
N THR B 78 20.76 -15.37 22.11
CA THR B 78 19.80 -14.33 22.39
C THR B 78 18.81 -14.18 21.25
N ALA B 79 19.31 -14.28 20.01
CA ALA B 79 18.51 -14.17 18.80
C ALA B 79 17.42 -15.25 18.73
N ARG B 80 17.74 -16.47 19.17
CA ARG B 80 16.77 -17.57 19.17
C ARG B 80 15.80 -17.52 20.35
N CYS B 81 16.27 -16.98 21.47
CA CYS B 81 15.44 -16.83 22.67
C CYS B 81 14.42 -15.73 22.42
N THR B 82 14.86 -14.71 21.70
CA THR B 82 14.04 -13.57 21.33
C THR B 82 13.09 -13.89 20.20
N ALA B 83 13.59 -14.58 19.16
CA ALA B 83 12.78 -14.97 18.01
C ALA B 83 11.78 -16.05 18.40
N GLY B 84 12.13 -16.80 19.45
CA GLY B 84 11.26 -17.84 19.97
C GLY B 84 10.10 -17.29 20.75
N THR B 85 10.34 -16.13 21.41
CA THR B 85 9.35 -15.42 22.21
C THR B 85 8.28 -14.86 21.28
N LEU B 86 8.72 -14.17 20.22
CA LEU B 86 7.83 -13.58 19.24
C LEU B 86 7.02 -14.62 18.48
N HIS B 87 7.64 -15.79 18.25
CA HIS B 87 7.00 -16.91 17.58
C HIS B 87 5.81 -17.38 18.40
N ASN B 88 6.01 -17.50 19.71
CA ASN B 88 4.96 -17.93 20.64
C ASN B 88 3.78 -16.96 20.69
N LEU B 89 4.09 -15.66 20.65
CA LEU B 89 3.08 -14.61 20.68
C LEU B 89 2.29 -14.50 19.37
N SER B 90 2.89 -14.96 18.27
CA SER B 90 2.24 -14.88 16.95
C SER B 90 1.02 -15.78 16.77
N HIS B 91 0.71 -16.55 17.81
CA HIS B 91 -0.42 -17.45 17.81
C HIS B 91 -1.68 -16.76 18.33
N HIS B 92 -1.49 -15.64 19.02
CA HIS B 92 -2.60 -14.85 19.57
C HIS B 92 -2.80 -13.55 18.80
N ARG B 93 -4.04 -13.04 18.82
CA ARG B 93 -4.41 -11.79 18.13
C ARG B 93 -3.63 -10.57 18.62
N GLU B 94 -3.63 -10.36 19.94
CA GLU B 94 -2.93 -9.25 20.58
C GLU B 94 -1.42 -9.39 20.42
N GLY B 95 -0.97 -10.66 20.28
CA GLY B 95 0.43 -10.98 20.09
C GLY B 95 0.93 -10.49 18.74
N LEU B 96 0.12 -10.71 17.70
CA LEU B 96 0.43 -10.28 16.34
C LEU B 96 0.46 -8.74 16.23
N LEU B 97 -0.52 -8.09 16.88
CA LEU B 97 -0.63 -6.63 16.88
C LEU B 97 0.55 -5.99 17.62
N ALA B 98 0.95 -6.61 18.74
CA ALA B 98 2.07 -6.15 19.55
C ALA B 98 3.42 -6.24 18.85
N ILE B 99 3.63 -7.30 18.08
CA ILE B 99 4.87 -7.51 17.31
C ILE B 99 4.90 -6.44 16.22
N PHE B 100 3.74 -6.23 15.60
CA PHE B 100 3.58 -5.23 14.54
C PHE B 100 3.80 -3.82 15.06
N LYS B 101 3.11 -3.47 16.15
CA LYS B 101 3.21 -2.15 16.77
C LYS B 101 4.59 -1.75 17.27
N SER B 102 5.36 -2.76 17.66
CA SER B 102 6.69 -2.53 18.18
C SER B 102 7.85 -2.66 17.20
N GLY B 103 7.53 -2.54 15.91
CA GLY B 103 8.52 -2.60 14.84
C GLY B 103 9.17 -3.95 14.66
N GLY B 104 8.41 -5.00 14.95
CA GLY B 104 8.89 -6.37 14.84
C GLY B 104 9.21 -6.86 13.44
N ILE B 105 8.52 -6.34 12.43
CA ILE B 105 8.74 -6.77 11.06
C ILE B 105 10.15 -6.54 10.45
N PRO B 106 10.73 -5.31 10.53
CA PRO B 106 12.09 -5.17 9.95
C PRO B 106 13.12 -6.00 10.71
N ALA B 107 12.78 -6.31 11.97
CA ALA B 107 13.63 -7.10 12.83
C ALA B 107 13.60 -8.56 12.41
N LEU B 108 12.42 -9.07 12.11
CA LEU B 108 12.23 -10.46 11.67
C LEU B 108 12.81 -10.71 10.28
N VAL B 109 12.72 -9.69 9.42
CA VAL B 109 13.28 -9.75 8.06
C VAL B 109 14.80 -9.88 8.12
N LYS B 110 15.44 -9.22 9.10
CA LYS B 110 16.88 -9.28 9.29
C LYS B 110 17.30 -10.67 9.78
N MET B 111 16.42 -11.29 10.58
CA MET B 111 16.62 -12.62 11.13
C MET B 111 16.56 -13.74 10.10
N LEU B 112 16.09 -13.41 8.90
CA LEU B 112 16.00 -14.36 7.79
C LEU B 112 17.37 -14.57 7.15
N GLY B 113 18.31 -13.70 7.52
CA GLY B 113 19.66 -13.76 6.99
C GLY B 113 20.62 -14.53 7.88
N SER B 114 20.14 -15.11 8.98
CA SER B 114 20.99 -15.85 9.91
C SER B 114 21.30 -17.29 9.47
N PRO B 115 22.55 -17.75 9.68
CA PRO B 115 22.92 -19.12 9.29
C PRO B 115 22.35 -20.22 10.20
N VAL B 116 21.81 -19.83 11.36
CA VAL B 116 21.21 -20.74 12.34
C VAL B 116 19.78 -21.07 11.90
N ASP B 117 19.45 -22.37 11.89
CA ASP B 117 18.14 -22.86 11.49
C ASP B 117 16.95 -22.53 12.40
N SER B 118 17.18 -22.51 13.71
CA SER B 118 16.12 -22.21 14.68
C SER B 118 15.60 -20.77 14.58
N VAL B 119 16.52 -19.81 14.44
CA VAL B 119 16.17 -18.38 14.33
C VAL B 119 15.32 -18.15 13.07
N LEU B 120 15.75 -18.78 11.98
CA LEU B 120 15.10 -18.73 10.66
C LEU B 120 13.70 -19.33 10.65
N PHE B 121 13.54 -20.46 11.34
CA PHE B 121 12.27 -21.16 11.42
C PHE B 121 11.27 -20.39 12.27
N TYR B 122 11.78 -19.73 13.32
CA TYR B 122 10.98 -18.90 14.20
C TYR B 122 10.55 -17.64 13.44
N ALA B 123 11.51 -17.05 12.73
CA ALA B 123 11.31 -15.83 11.94
C ALA B 123 10.26 -15.92 10.84
N ILE B 124 10.38 -16.93 9.97
CA ILE B 124 9.46 -17.15 8.87
C ILE B 124 8.05 -17.55 9.34
N THR B 125 7.96 -18.24 10.48
CA THR B 125 6.66 -18.66 11.00
C THR B 125 5.92 -17.43 11.55
N THR B 126 6.68 -16.53 12.19
CA THR B 126 6.15 -15.29 12.77
C THR B 126 5.69 -14.38 11.62
N LEU B 127 6.52 -14.25 10.60
CA LEU B 127 6.20 -13.43 9.43
C LEU B 127 4.96 -13.94 8.68
N HIS B 128 4.82 -15.26 8.59
CA HIS B 128 3.71 -15.93 7.92
C HIS B 128 2.40 -15.65 8.64
N ASN B 129 2.42 -15.81 9.98
CA ASN B 129 1.26 -15.57 10.84
C ASN B 129 0.83 -14.10 10.78
N LEU B 130 1.80 -13.22 10.55
CA LEU B 130 1.56 -11.78 10.42
C LEU B 130 0.94 -11.46 9.07
N LEU B 131 1.50 -12.04 8.00
CA LEU B 131 1.01 -11.84 6.63
C LEU B 131 -0.40 -12.41 6.43
N LEU B 132 -0.75 -13.39 7.24
CA LEU B 132 -2.06 -14.03 7.18
C LEU B 132 -3.15 -13.32 7.99
N HIS B 133 -2.83 -12.92 9.22
CA HIS B 133 -3.82 -12.31 10.12
C HIS B 133 -3.64 -10.87 10.62
N GLN B 134 -2.72 -10.10 10.04
CA GLN B 134 -2.48 -8.73 10.49
C GLN B 134 -2.41 -7.72 9.34
N GLU B 135 -3.31 -6.73 9.37
CA GLU B 135 -3.35 -5.69 8.33
C GLU B 135 -2.14 -4.75 8.45
N GLY B 136 -1.56 -4.45 7.30
CA GLY B 136 -0.38 -3.60 7.24
C GLY B 136 0.88 -4.42 7.12
N ALA B 137 0.82 -5.69 7.53
CA ALA B 137 1.97 -6.61 7.47
C ALA B 137 2.55 -6.82 6.08
N LYS B 138 1.68 -6.94 5.08
CA LYS B 138 2.11 -7.14 3.69
C LYS B 138 3.00 -6.02 3.22
N MET B 139 2.52 -4.79 3.40
CA MET B 139 3.25 -3.59 3.00
C MET B 139 4.55 -3.42 3.78
N ALA B 140 4.48 -3.72 5.09
CA ALA B 140 5.63 -3.63 5.98
C ALA B 140 6.77 -4.58 5.57
N VAL B 141 6.38 -5.81 5.18
CA VAL B 141 7.35 -6.84 4.73
C VAL B 141 8.00 -6.44 3.41
N ARG B 142 7.21 -5.86 2.49
CA ARG B 142 7.72 -5.39 1.18
C ARG B 142 8.72 -4.26 1.37
N LEU B 143 8.32 -3.25 2.16
CA LEU B 143 9.15 -2.07 2.45
C LEU B 143 10.43 -2.43 3.21
N ALA B 144 10.34 -3.46 4.06
CA ALA B 144 11.48 -3.95 4.84
C ALA B 144 12.40 -4.85 4.01
N GLY B 145 12.02 -5.09 2.75
CA GLY B 145 12.81 -5.93 1.86
C GLY B 145 12.75 -7.43 2.11
N GLY B 146 11.59 -7.91 2.54
CA GLY B 146 11.39 -9.32 2.83
C GLY B 146 11.33 -10.27 1.65
N LEU B 147 10.91 -9.77 0.49
CA LEU B 147 10.81 -10.57 -0.73
C LEU B 147 12.14 -11.06 -1.22
N GLN B 148 13.13 -10.15 -1.27
CA GLN B 148 14.50 -10.45 -1.72
C GLN B 148 15.12 -11.52 -0.84
N LYS B 149 14.83 -11.44 0.45
CA LYS B 149 15.33 -12.40 1.43
C LYS B 149 14.60 -13.75 1.37
N MET B 150 13.28 -13.72 1.17
CA MET B 150 12.46 -14.93 1.07
C MET B 150 12.76 -15.76 -0.20
N VAL B 151 13.12 -15.08 -1.29
CA VAL B 151 13.45 -15.74 -2.56
C VAL B 151 14.83 -16.41 -2.45
N ALA B 152 15.72 -15.79 -1.68
CA ALA B 152 17.09 -16.29 -1.45
C ALA B 152 17.07 -17.56 -0.59
N LEU B 153 16.01 -17.70 0.20
CA LEU B 153 15.82 -18.84 1.08
C LEU B 153 15.22 -20.06 0.38
N LEU B 154 14.88 -19.91 -0.91
CA LEU B 154 14.29 -21.00 -1.68
C LEU B 154 15.29 -22.07 -2.12
N ASN B 155 16.56 -21.86 -1.78
CA ASN B 155 17.63 -22.81 -2.07
C ASN B 155 17.79 -23.81 -0.92
N LYS B 156 16.99 -23.63 0.13
CA LYS B 156 16.99 -24.52 1.30
C LYS B 156 16.26 -25.82 0.93
N THR B 157 16.37 -26.82 1.80
CA THR B 157 15.80 -28.13 1.55
C THR B 157 14.67 -28.62 2.46
N ASN B 158 14.48 -27.99 3.62
CA ASN B 158 13.40 -28.39 4.54
C ASN B 158 12.06 -28.04 3.86
N VAL B 159 11.29 -29.07 3.53
CA VAL B 159 10.03 -28.92 2.81
C VAL B 159 8.94 -28.15 3.53
N LYS B 160 8.84 -28.35 4.84
CA LYS B 160 7.85 -27.66 5.65
C LYS B 160 8.21 -26.16 5.71
N PHE B 161 9.50 -25.86 5.70
CA PHE B 161 10.01 -24.49 5.72
C PHE B 161 9.72 -23.83 4.36
N LEU B 162 10.00 -24.57 3.29
CA LEU B 162 9.76 -24.09 1.93
C LEU B 162 8.27 -23.86 1.65
N ALA B 163 7.40 -24.61 2.33
CA ALA B 163 5.95 -24.47 2.16
C ALA B 163 5.47 -23.13 2.75
N ILE B 164 6.00 -22.80 3.93
CA ILE B 164 5.69 -21.55 4.64
C ILE B 164 6.24 -20.34 3.85
N THR B 165 7.50 -20.43 3.43
CA THR B 165 8.21 -19.38 2.69
C THR B 165 7.54 -19.08 1.36
N THR B 166 7.12 -20.15 0.68
CA THR B 166 6.45 -20.03 -0.61
C THR B 166 5.04 -19.42 -0.44
N ASP B 167 4.40 -19.69 0.71
CA ASP B 167 3.08 -19.14 1.00
C ASP B 167 3.18 -17.66 1.26
N CYS B 168 4.31 -17.27 1.86
CA CYS B 168 4.61 -15.88 2.15
C CYS B 168 4.74 -15.13 0.83
N LEU B 169 5.36 -15.77 -0.15
CA LEU B 169 5.53 -15.18 -1.47
C LEU B 169 4.21 -15.04 -2.22
N GLN B 170 3.28 -15.95 -1.97
CA GLN B 170 1.94 -15.94 -2.60
C GLN B 170 1.14 -14.74 -2.08
N ILE B 171 1.09 -14.60 -0.76
CA ILE B 171 0.36 -13.53 -0.09
C ILE B 171 0.88 -12.14 -0.48
N LEU B 172 2.20 -12.03 -0.60
CA LEU B 172 2.85 -10.78 -0.95
C LEU B 172 2.76 -10.42 -2.42
N ALA B 173 2.71 -11.44 -3.27
CA ALA B 173 2.65 -11.23 -4.71
C ALA B 173 1.26 -11.02 -5.27
N TYR B 174 0.23 -11.51 -4.57
CA TYR B 174 -1.16 -11.38 -5.02
C TYR B 174 -1.64 -9.96 -5.33
N GLY B 175 -1.98 -9.75 -6.60
CA GLY B 175 -2.50 -8.48 -7.11
C GLY B 175 -1.57 -7.27 -7.03
N ASN B 176 -0.31 -7.52 -6.71
CA ASN B 176 0.69 -6.47 -6.57
C ASN B 176 1.81 -6.63 -7.61
N GLN B 177 1.73 -5.83 -8.67
CA GLN B 177 2.71 -5.86 -9.76
C GLN B 177 4.15 -5.53 -9.37
N GLU B 178 4.31 -4.66 -8.36
CA GLU B 178 5.63 -4.25 -7.91
C GLU B 178 6.38 -5.39 -7.21
N SER B 179 5.69 -6.11 -6.35
CA SER B 179 6.28 -7.23 -5.63
C SER B 179 6.57 -8.43 -6.55
N LYS B 180 5.84 -8.50 -7.68
CA LYS B 180 6.04 -9.57 -8.67
C LYS B 180 7.31 -9.30 -9.47
N LEU B 181 7.61 -8.02 -9.68
CA LEU B 181 8.80 -7.60 -10.42
C LEU B 181 10.07 -7.74 -9.57
N ILE B 182 9.90 -7.68 -8.24
CA ILE B 182 11.01 -7.85 -7.29
C ILE B 182 11.38 -9.34 -7.28
N ILE B 183 10.36 -10.21 -7.19
CA ILE B 183 10.50 -11.66 -7.20
C ILE B 183 11.21 -12.12 -8.47
N LEU B 184 10.90 -11.46 -9.61
CA LEU B 184 11.53 -11.78 -10.89
C LEU B 184 12.99 -11.33 -10.91
N ALA B 185 13.25 -10.13 -10.37
CA ALA B 185 14.59 -9.55 -10.31
C ALA B 185 15.55 -10.38 -9.47
N SER B 186 15.02 -10.99 -8.41
CA SER B 186 15.83 -11.82 -7.52
C SER B 186 15.89 -13.32 -7.88
N GLY B 187 15.47 -13.64 -9.10
CA GLY B 187 15.51 -15.01 -9.62
C GLY B 187 14.43 -15.96 -9.11
N GLY B 188 13.27 -15.41 -8.78
CA GLY B 188 12.13 -16.18 -8.30
C GLY B 188 11.61 -17.29 -9.21
N PRO B 189 11.32 -17.02 -10.51
CA PRO B 189 10.82 -18.03 -11.44
C PRO B 189 11.66 -19.30 -11.51
N GLN B 190 12.98 -19.16 -11.60
CA GLN B 190 13.90 -20.30 -11.67
C GLN B 190 13.86 -21.12 -10.37
N ALA B 191 13.82 -20.42 -9.23
CA ALA B 191 13.79 -21.05 -7.91
C ALA B 191 12.49 -21.83 -7.66
N LEU B 192 11.36 -21.26 -8.12
CA LEU B 192 10.05 -21.90 -7.97
C LEU B 192 9.84 -23.10 -8.91
N VAL B 193 10.33 -22.98 -10.14
CA VAL B 193 10.24 -24.05 -11.13
C VAL B 193 11.15 -25.21 -10.68
N ASN B 194 12.28 -24.87 -10.04
CA ASN B 194 13.21 -25.90 -9.53
C ASN B 194 12.56 -26.71 -8.43
N ILE B 195 11.75 -26.03 -7.61
CA ILE B 195 11.03 -26.67 -6.52
C ILE B 195 10.00 -27.69 -7.07
N MET B 196 9.31 -27.32 -8.15
CA MET B 196 8.30 -28.19 -8.78
C MET B 196 8.87 -29.48 -9.36
N ARG B 197 10.11 -29.44 -9.83
CA ARG B 197 10.73 -30.64 -10.37
C ARG B 197 11.68 -31.38 -9.44
N THR B 198 11.86 -30.86 -8.22
CA THR B 198 12.78 -31.45 -7.25
C THR B 198 12.07 -32.15 -6.08
N TYR B 199 11.00 -31.53 -5.58
CA TYR B 199 10.28 -32.05 -4.41
C TYR B 199 9.04 -32.91 -4.64
N THR B 200 8.64 -33.57 -3.56
CA THR B 200 7.52 -34.51 -3.53
C THR B 200 6.44 -34.23 -2.45
N TYR B 201 6.75 -33.33 -1.52
CA TYR B 201 5.83 -32.98 -0.45
C TYR B 201 4.67 -32.15 -1.05
N GLU B 202 3.47 -32.76 -1.04
CA GLU B 202 2.25 -32.16 -1.60
C GLU B 202 2.00 -30.69 -1.25
N LYS B 203 2.00 -30.37 0.05
CA LYS B 203 1.76 -29.02 0.52
C LYS B 203 2.71 -27.98 -0.08
N LEU B 204 3.96 -28.38 -0.34
CA LEU B 204 4.95 -27.48 -0.94
C LEU B 204 4.68 -27.31 -2.44
N LEU B 205 4.36 -28.40 -3.14
CA LEU B 205 4.08 -28.33 -4.57
C LEU B 205 2.83 -27.48 -4.84
N TRP B 206 1.83 -27.60 -3.97
CA TRP B 206 0.58 -26.86 -4.08
C TRP B 206 0.82 -25.37 -3.86
N THR B 207 1.53 -25.05 -2.78
CA THR B 207 1.85 -23.68 -2.42
C THR B 207 2.73 -23.01 -3.49
N THR B 208 3.66 -23.78 -4.07
CA THR B 208 4.55 -23.28 -5.12
C THR B 208 3.78 -23.00 -6.40
N SER B 209 2.85 -23.87 -6.74
CA SER B 209 2.02 -23.70 -7.95
C SER B 209 1.16 -22.45 -7.82
N ARG B 210 0.72 -22.16 -6.60
CA ARG B 210 -0.09 -20.97 -6.29
C ARG B 210 0.72 -19.68 -6.52
N VAL B 211 2.02 -19.72 -6.18
CA VAL B 211 2.90 -18.57 -6.40
C VAL B 211 3.16 -18.45 -7.89
N LEU B 212 3.35 -19.59 -8.55
CA LEU B 212 3.56 -19.61 -10.00
C LEU B 212 2.31 -19.15 -10.76
N LYS B 213 1.12 -19.41 -10.18
CA LYS B 213 -0.16 -18.98 -10.78
C LYS B 213 -0.24 -17.46 -10.75
N VAL B 214 0.05 -16.89 -9.57
CA VAL B 214 0.05 -15.44 -9.35
C VAL B 214 1.04 -14.73 -10.28
N LEU B 215 2.22 -15.33 -10.46
CA LEU B 215 3.24 -14.75 -11.33
C LEU B 215 3.00 -14.94 -12.82
N SER B 216 2.17 -15.91 -13.21
CA SER B 216 1.90 -16.18 -14.62
C SER B 216 1.04 -15.16 -15.37
N VAL B 217 0.37 -14.27 -14.63
CA VAL B 217 -0.48 -13.23 -15.24
C VAL B 217 0.36 -12.00 -15.61
N CYS B 218 1.51 -11.88 -14.93
CA CYS B 218 2.45 -10.78 -15.14
C CYS B 218 3.22 -11.00 -16.44
N SER B 219 3.09 -10.03 -17.35
CA SER B 219 3.71 -10.05 -18.68
C SER B 219 5.23 -10.21 -18.75
N SER B 220 5.91 -9.91 -17.65
CA SER B 220 7.37 -10.04 -17.60
C SER B 220 7.84 -11.31 -16.89
N ASN B 221 7.03 -11.80 -15.94
CA ASN B 221 7.32 -13.04 -15.21
C ASN B 221 6.98 -14.26 -16.07
N LYS B 222 5.92 -14.12 -16.87
CA LYS B 222 5.42 -15.18 -17.77
C LYS B 222 6.52 -15.79 -18.68
N PRO B 223 7.28 -14.97 -19.48
CA PRO B 223 8.29 -15.62 -20.31
C PRO B 223 9.48 -16.21 -19.53
N ALA B 224 9.74 -15.69 -18.33
CA ALA B 224 10.83 -16.17 -17.48
C ALA B 224 10.56 -17.56 -16.93
N ILE B 225 9.30 -17.81 -16.56
CA ILE B 225 8.85 -19.11 -16.05
C ILE B 225 8.93 -20.14 -17.19
N VAL B 226 8.63 -19.69 -18.43
CA VAL B 226 8.68 -20.53 -19.62
C VAL B 226 10.13 -20.91 -19.99
N GLU B 227 11.05 -19.92 -19.97
CA GLU B 227 12.48 -20.15 -20.29
C GLU B 227 13.10 -21.12 -19.28
N ALA B 228 12.62 -21.04 -18.04
CA ALA B 228 13.08 -21.88 -16.93
C ALA B 228 12.58 -23.33 -17.01
N GLY B 229 11.61 -23.57 -17.90
CA GLY B 229 11.04 -24.90 -18.07
C GLY B 229 9.80 -25.16 -17.22
N GLY B 230 9.03 -24.10 -16.99
CA GLY B 230 7.83 -24.16 -16.18
C GLY B 230 6.70 -25.04 -16.70
N MET B 231 6.54 -25.08 -18.02
CA MET B 231 5.52 -25.89 -18.67
C MET B 231 5.73 -27.38 -18.38
N GLN B 232 6.96 -27.85 -18.69
CA GLN B 232 7.38 -29.23 -18.47
C GLN B 232 7.28 -29.62 -17.00
N ALA B 233 7.68 -28.70 -16.13
CA ALA B 233 7.67 -28.91 -14.67
C ALA B 233 6.27 -29.10 -14.12
N LEU B 234 5.35 -28.21 -14.46
CA LEU B 234 3.96 -28.28 -14.01
C LEU B 234 3.26 -29.48 -14.65
N GLY B 235 3.76 -29.88 -15.82
CA GLY B 235 3.23 -31.02 -16.57
C GLY B 235 3.39 -32.37 -15.89
N LEU B 236 4.36 -32.50 -14.99
CA LEU B 236 4.63 -33.74 -14.27
C LEU B 236 3.65 -33.98 -13.13
N HIS B 237 2.92 -32.94 -12.74
CA HIS B 237 1.98 -33.04 -11.62
C HIS B 237 0.50 -33.18 -11.99
N LEU B 238 0.23 -33.32 -13.28
CA LEU B 238 -1.15 -33.45 -13.79
C LEU B 238 -1.88 -34.77 -13.53
N THR B 239 -1.15 -35.76 -13.03
CA THR B 239 -1.68 -37.09 -12.74
C THR B 239 -1.78 -37.29 -11.21
N ASP B 240 -1.36 -36.28 -10.45
CA ASP B 240 -1.33 -36.33 -8.99
C ASP B 240 -2.71 -36.49 -8.30
N PRO B 241 -2.79 -37.31 -7.22
CA PRO B 241 -4.02 -37.54 -6.47
C PRO B 241 -4.77 -36.29 -6.01
N SER B 242 -4.05 -35.28 -5.52
CA SER B 242 -4.68 -34.03 -5.05
C SER B 242 -5.13 -33.18 -6.21
N GLN B 243 -6.43 -32.88 -6.22
CA GLN B 243 -7.03 -32.09 -7.27
C GLN B 243 -6.65 -30.62 -7.18
N ARG B 244 -6.30 -30.15 -5.97
CA ARG B 244 -5.89 -28.76 -5.76
C ARG B 244 -4.53 -28.45 -6.44
N LEU B 245 -3.66 -29.45 -6.50
CA LEU B 245 -2.35 -29.30 -7.14
C LEU B 245 -2.51 -29.34 -8.66
N VAL B 246 -3.35 -30.28 -9.12
CA VAL B 246 -3.64 -30.48 -10.54
C VAL B 246 -4.31 -29.25 -11.13
N GLN B 247 -5.29 -28.72 -10.41
CA GLN B 247 -6.05 -27.55 -10.84
C GLN B 247 -5.18 -26.29 -10.92
N ASN B 248 -4.31 -26.09 -9.93
CA ASN B 248 -3.40 -24.94 -9.90
C ASN B 248 -2.33 -25.08 -10.98
N CYS B 249 -1.94 -26.32 -11.29
CA CYS B 249 -0.96 -26.57 -12.35
C CYS B 249 -1.61 -26.32 -13.71
N LEU B 250 -2.89 -26.64 -13.84
CA LEU B 250 -3.64 -26.41 -15.08
C LEU B 250 -3.86 -24.94 -15.34
N TRP B 251 -4.31 -24.21 -14.32
CA TRP B 251 -4.55 -22.76 -14.39
C TRP B 251 -3.27 -21.99 -14.74
N THR B 252 -2.15 -22.41 -14.14
CA THR B 252 -0.85 -21.77 -14.39
C THR B 252 -0.42 -22.08 -15.83
N LEU B 253 -0.56 -23.35 -16.24
CA LEU B 253 -0.20 -23.76 -17.60
C LEU B 253 -1.01 -23.03 -18.67
N ARG B 254 -2.26 -22.70 -18.34
CA ARG B 254 -3.15 -21.99 -19.26
C ARG B 254 -2.74 -20.53 -19.43
N ASN B 255 -2.40 -19.88 -18.32
CA ASN B 255 -1.95 -18.49 -18.34
C ASN B 255 -0.62 -18.36 -19.08
N LEU B 256 0.23 -19.37 -18.95
CA LEU B 256 1.55 -19.40 -19.60
C LEU B 256 1.55 -19.83 -21.06
N SER B 257 0.53 -20.58 -21.46
CA SER B 257 0.43 -21.14 -22.81
C SER B 257 0.55 -20.24 -24.03
N ASP B 258 0.17 -18.96 -23.90
CA ASP B 258 0.26 -18.01 -25.01
C ASP B 258 1.68 -17.50 -25.28
N ALA B 259 2.65 -18.04 -24.54
CA ALA B 259 4.07 -17.68 -24.68
C ALA B 259 4.99 -18.90 -24.63
N ALA B 260 4.41 -20.07 -24.92
CA ALA B 260 5.14 -21.34 -24.89
C ALA B 260 5.10 -22.05 -26.24
N THR B 261 4.82 -21.29 -27.29
CA THR B 261 4.70 -21.79 -28.67
C THR B 261 6.00 -22.37 -29.27
N LYS B 262 7.15 -21.99 -28.71
CA LYS B 262 8.44 -22.46 -29.22
C LYS B 262 9.24 -23.40 -28.32
N GLN B 263 8.59 -23.99 -27.31
CA GLN B 263 9.23 -24.93 -26.39
C GLN B 263 9.28 -26.35 -26.93
N GLU B 264 10.36 -27.05 -26.61
CA GLU B 264 10.58 -28.44 -27.02
C GLU B 264 10.36 -29.32 -25.78
N GLY B 265 10.41 -30.65 -25.97
CA GLY B 265 10.21 -31.60 -24.88
C GLY B 265 8.83 -31.54 -24.23
N MET B 266 7.84 -31.19 -25.05
CA MET B 266 6.45 -31.04 -24.60
C MET B 266 5.58 -32.29 -24.72
N GLU B 267 6.15 -33.36 -25.30
CA GLU B 267 5.46 -34.63 -25.55
C GLU B 267 4.70 -35.25 -24.38
N GLY B 268 5.29 -35.22 -23.19
CA GLY B 268 4.65 -35.77 -22.00
C GLY B 268 3.41 -34.99 -21.61
N LEU B 269 3.55 -33.66 -21.61
CA LEU B 269 2.48 -32.72 -21.28
C LEU B 269 1.30 -32.80 -22.24
N LEU B 270 1.58 -32.82 -23.54
CA LEU B 270 0.54 -32.90 -24.58
C LEU B 270 -0.31 -34.17 -24.48
N GLY B 271 0.33 -35.29 -24.18
CA GLY B 271 -0.34 -36.57 -24.03
C GLY B 271 -1.27 -36.55 -22.83
N THR B 272 -0.79 -36.00 -21.72
CA THR B 272 -1.54 -35.90 -20.47
C THR B 272 -2.76 -34.96 -20.61
N LEU B 273 -2.60 -33.86 -21.35
CA LEU B 273 -3.69 -32.89 -21.55
C LEU B 273 -4.84 -33.49 -22.37
N VAL B 274 -4.49 -34.30 -23.37
CA VAL B 274 -5.45 -34.98 -24.25
C VAL B 274 -6.23 -36.01 -23.41
N GLN B 275 -5.52 -36.62 -22.47
CA GLN B 275 -6.06 -37.63 -21.55
C GLN B 275 -6.96 -36.92 -20.52
N LEU B 276 -6.66 -35.66 -20.21
CA LEU B 276 -7.44 -34.89 -19.24
C LEU B 276 -8.79 -34.40 -19.77
N LEU B 277 -8.93 -34.38 -21.10
CA LEU B 277 -10.17 -33.97 -21.75
C LEU B 277 -11.31 -34.96 -21.49
N GLY B 278 -10.95 -36.18 -21.06
CA GLY B 278 -11.92 -37.21 -20.76
C GLY B 278 -12.36 -37.29 -19.30
N SER B 279 -11.94 -36.34 -18.45
CA SER B 279 -12.33 -36.38 -17.03
C SER B 279 -13.75 -35.89 -16.81
N ASP B 280 -14.32 -36.33 -15.69
CA ASP B 280 -15.67 -35.98 -15.25
C ASP B 280 -15.81 -34.54 -14.76
N ASP B 281 -14.68 -33.92 -14.46
CA ASP B 281 -14.58 -32.55 -14.00
C ASP B 281 -14.50 -31.63 -15.22
N ILE B 282 -15.57 -30.88 -15.47
CA ILE B 282 -15.67 -29.97 -16.61
C ILE B 282 -14.71 -28.77 -16.55
N ASN B 283 -14.25 -28.42 -15.35
CA ASN B 283 -13.31 -27.31 -15.17
C ASN B 283 -11.91 -27.74 -15.64
N VAL B 284 -11.59 -29.02 -15.46
CA VAL B 284 -10.30 -29.60 -15.89
C VAL B 284 -10.30 -29.68 -17.43
N VAL B 285 -11.43 -30.10 -18.01
CA VAL B 285 -11.59 -30.21 -19.46
C VAL B 285 -11.41 -28.84 -20.13
N THR B 286 -12.05 -27.82 -19.57
CA THR B 286 -12.01 -26.45 -20.10
C THR B 286 -10.56 -25.91 -20.12
N CYS B 287 -9.80 -26.20 -19.07
CA CYS B 287 -8.40 -25.78 -18.98
C CYS B 287 -7.55 -26.48 -19.99
N ALA B 288 -7.68 -27.81 -20.04
CA ALA B 288 -6.92 -28.65 -20.97
C ALA B 288 -7.15 -28.20 -22.41
N ALA B 289 -8.39 -27.80 -22.72
CA ALA B 289 -8.78 -27.32 -24.06
C ALA B 289 -8.08 -25.98 -24.36
N GLY B 290 -8.03 -25.11 -23.36
CA GLY B 290 -7.38 -23.81 -23.49
C GLY B 290 -5.89 -23.93 -23.71
N ILE B 291 -5.26 -24.82 -22.95
CA ILE B 291 -3.82 -25.09 -23.04
C ILE B 291 -3.53 -25.72 -24.40
N LEU B 292 -4.40 -26.67 -24.80
CA LEU B 292 -4.24 -27.37 -26.07
C LEU B 292 -4.41 -26.51 -27.29
N SER B 293 -5.22 -25.47 -27.23
CA SER B 293 -5.37 -24.61 -28.41
C SER B 293 -4.14 -23.74 -28.64
N ASN B 294 -3.60 -23.19 -27.54
CA ASN B 294 -2.42 -22.36 -27.59
C ASN B 294 -1.14 -23.12 -27.94
N LEU B 295 -0.99 -24.33 -27.40
CA LEU B 295 0.20 -25.13 -27.69
C LEU B 295 0.21 -25.75 -29.08
N THR B 296 -0.96 -25.72 -29.72
CA THR B 296 -1.14 -26.26 -31.06
C THR B 296 -1.01 -25.16 -32.12
N CYS B 297 -1.06 -23.90 -31.69
CA CYS B 297 -0.94 -22.73 -32.56
C CYS B 297 0.47 -22.57 -33.14
N ASN B 298 0.56 -22.59 -34.48
CA ASN B 298 1.80 -22.42 -35.26
C ASN B 298 3.00 -23.35 -34.96
N ASN B 299 2.72 -24.51 -34.40
CA ASN B 299 3.76 -25.49 -34.05
C ASN B 299 3.37 -26.84 -34.65
N TYR B 300 4.08 -27.25 -35.71
CA TYR B 300 3.80 -28.51 -36.41
C TYR B 300 4.09 -29.80 -35.63
N LYS B 301 5.13 -29.77 -34.79
CA LYS B 301 5.51 -30.92 -33.98
C LYS B 301 4.47 -31.22 -32.92
N ASN B 302 3.90 -30.15 -32.35
CA ASN B 302 2.86 -30.26 -31.33
C ASN B 302 1.53 -30.71 -31.93
N LYS B 303 1.27 -30.27 -33.16
CA LYS B 303 0.06 -30.63 -33.91
C LYS B 303 0.05 -32.13 -34.20
N MET B 304 1.20 -32.64 -34.63
CA MET B 304 1.38 -34.06 -34.97
C MET B 304 1.32 -34.97 -33.74
N MET B 305 1.82 -34.47 -32.61
CA MET B 305 1.84 -35.24 -31.36
C MET B 305 0.44 -35.38 -30.76
N VAL B 306 -0.36 -34.32 -30.87
CA VAL B 306 -1.73 -34.29 -30.34
C VAL B 306 -2.61 -35.23 -31.16
N CYS B 307 -2.35 -35.32 -32.47
CA CYS B 307 -3.08 -36.20 -33.36
C CYS B 307 -2.74 -37.68 -33.15
N GLN B 308 -1.49 -37.95 -32.77
CA GLN B 308 -1.00 -39.31 -32.53
C GLN B 308 -1.57 -40.00 -31.28
N VAL B 309 -2.00 -39.20 -30.30
CA VAL B 309 -2.55 -39.74 -29.05
C VAL B 309 -4.07 -39.67 -28.95
N GLY B 310 -4.72 -39.51 -30.10
CA GLY B 310 -6.17 -39.45 -30.19
C GLY B 310 -6.79 -38.11 -29.84
N GLY B 311 -6.05 -37.04 -30.13
CA GLY B 311 -6.49 -35.69 -29.85
C GLY B 311 -7.78 -35.27 -30.50
N ILE B 312 -7.99 -35.71 -31.73
CA ILE B 312 -9.20 -35.38 -32.49
C ILE B 312 -10.47 -35.96 -31.85
N GLU B 313 -10.46 -37.24 -31.46
CA GLU B 313 -11.62 -37.87 -30.82
C GLU B 313 -11.95 -37.17 -29.51
N ALA B 314 -10.92 -36.95 -28.69
CA ALA B 314 -11.04 -36.29 -27.39
C ALA B 314 -11.61 -34.87 -27.51
N LEU B 315 -11.12 -34.11 -28.50
CA LEU B 315 -11.58 -32.75 -28.74
C LEU B 315 -12.98 -32.66 -29.33
N VAL B 316 -13.39 -33.70 -30.08
CA VAL B 316 -14.73 -33.76 -30.69
C VAL B 316 -15.73 -34.07 -29.56
N ARG B 317 -15.32 -34.97 -28.65
CA ARG B 317 -16.15 -35.33 -27.50
C ARG B 317 -16.33 -34.13 -26.56
N THR B 318 -15.33 -33.25 -26.52
CA THR B 318 -15.36 -32.04 -25.70
C THR B 318 -16.42 -31.08 -26.24
N VAL B 319 -16.45 -30.90 -27.57
CA VAL B 319 -17.42 -30.00 -28.22
C VAL B 319 -18.85 -30.56 -28.08
N LEU B 320 -18.94 -31.88 -28.06
CA LEU B 320 -20.20 -32.60 -27.91
C LEU B 320 -20.71 -32.52 -26.47
N ARG B 321 -19.81 -32.69 -25.49
CA ARG B 321 -20.17 -32.62 -24.06
C ARG B 321 -20.50 -31.19 -23.61
N ALA B 322 -19.91 -30.20 -24.29
CA ALA B 322 -20.08 -28.79 -23.98
C ALA B 322 -21.43 -28.14 -24.29
N GLY B 323 -21.95 -28.37 -25.49
CA GLY B 323 -23.21 -27.77 -25.89
C GLY B 323 -23.07 -26.29 -26.18
N ASP B 324 -23.95 -25.49 -25.56
CA ASP B 324 -23.97 -24.03 -25.74
C ASP B 324 -22.90 -23.25 -24.95
N ARG B 325 -22.07 -23.96 -24.18
CA ARG B 325 -20.99 -23.37 -23.37
C ARG B 325 -19.78 -22.93 -24.22
N GLU B 326 -19.79 -21.67 -24.63
CA GLU B 326 -18.76 -21.06 -25.46
C GLU B 326 -17.36 -20.96 -24.87
N ASP B 327 -17.25 -21.10 -23.55
CA ASP B 327 -15.94 -21.04 -22.87
C ASP B 327 -15.17 -22.36 -22.98
N ILE B 328 -15.89 -23.42 -23.34
CA ILE B 328 -15.31 -24.76 -23.51
C ILE B 328 -15.22 -25.00 -25.02
N THR B 329 -16.24 -24.53 -25.73
CA THR B 329 -16.32 -24.69 -27.18
C THR B 329 -15.31 -23.88 -28.02
N GLU B 330 -15.08 -22.61 -27.69
CA GLU B 330 -14.12 -21.79 -28.45
C GLU B 330 -12.68 -22.36 -28.45
N PRO B 331 -12.10 -22.72 -27.27
CA PRO B 331 -10.73 -23.26 -27.34
C PRO B 331 -10.67 -24.65 -28.00
N ALA B 332 -11.73 -25.44 -27.81
CA ALA B 332 -11.82 -26.79 -28.39
C ALA B 332 -11.90 -26.75 -29.91
N ILE B 333 -12.68 -25.81 -30.43
CA ILE B 333 -12.87 -25.62 -31.87
C ILE B 333 -11.60 -24.98 -32.48
N CYS B 334 -10.95 -24.09 -31.72
CA CYS B 334 -9.69 -23.46 -32.16
C CYS B 334 -8.59 -24.53 -32.23
N ALA B 335 -8.60 -25.47 -31.28
CA ALA B 335 -7.61 -26.55 -31.28
C ALA B 335 -7.83 -27.44 -32.51
N LEU B 336 -9.10 -27.72 -32.82
CA LEU B 336 -9.47 -28.53 -33.98
C LEU B 336 -9.10 -27.83 -35.28
N ARG B 337 -9.21 -26.49 -35.30
CA ARG B 337 -8.86 -25.70 -36.49
C ARG B 337 -7.37 -25.78 -36.78
N HIS B 338 -6.55 -25.64 -35.73
CA HIS B 338 -5.08 -25.68 -35.84
C HIS B 338 -4.62 -27.06 -36.29
N LEU B 339 -5.23 -28.11 -35.72
CA LEU B 339 -4.92 -29.51 -35.99
C LEU B 339 -5.37 -30.02 -37.35
N THR B 340 -6.06 -29.18 -38.11
CA THR B 340 -6.61 -29.59 -39.39
C THR B 340 -5.95 -28.85 -40.58
N SER B 341 -4.84 -28.16 -40.28
CA SER B 341 -4.07 -27.44 -41.30
C SER B 341 -2.57 -27.44 -41.03
N ARG B 342 -1.79 -27.19 -42.08
CA ARG B 342 -0.34 -27.08 -42.08
C ARG B 342 0.57 -28.08 -41.33
N HIS B 343 0.30 -29.37 -41.48
CA HIS B 343 1.13 -30.43 -40.90
C HIS B 343 0.88 -31.75 -41.62
N GLN B 344 1.91 -32.61 -41.63
CA GLN B 344 1.87 -33.91 -42.31
C GLN B 344 0.63 -34.78 -42.06
N GLU B 345 0.10 -34.72 -40.83
CA GLU B 345 -1.06 -35.50 -40.43
C GLU B 345 -2.40 -34.72 -40.46
N ALA B 346 -2.43 -33.57 -41.15
CA ALA B 346 -3.64 -32.73 -41.27
C ALA B 346 -4.79 -33.38 -42.00
N GLU B 347 -4.45 -34.18 -43.02
CA GLU B 347 -5.45 -34.90 -43.82
C GLU B 347 -6.10 -35.99 -42.98
N MET B 348 -5.32 -36.62 -42.09
CA MET B 348 -5.81 -37.67 -41.18
C MET B 348 -6.79 -37.03 -40.19
N ALA B 349 -6.46 -35.82 -39.75
CA ALA B 349 -7.28 -35.06 -38.80
C ALA B 349 -8.60 -34.64 -39.43
N GLN B 350 -8.54 -34.25 -40.71
CA GLN B 350 -9.69 -33.83 -41.50
C GLN B 350 -10.75 -34.92 -41.58
N ASN B 351 -10.29 -36.17 -41.77
CA ASN B 351 -11.15 -37.34 -41.87
C ASN B 351 -11.68 -37.76 -40.51
N ALA B 352 -10.81 -37.67 -39.50
CA ALA B 352 -11.14 -38.06 -38.14
C ALA B 352 -12.28 -37.27 -37.49
N VAL B 353 -12.44 -35.99 -37.84
CA VAL B 353 -13.55 -35.16 -37.30
C VAL B 353 -14.90 -35.72 -37.77
N ARG B 354 -14.96 -36.18 -39.02
CA ARG B 354 -16.17 -36.78 -39.59
C ARG B 354 -16.41 -38.19 -39.02
N LEU B 355 -15.33 -38.98 -38.90
CA LEU B 355 -15.40 -40.34 -38.38
C LEU B 355 -15.82 -40.44 -36.93
N HIS B 356 -15.60 -39.35 -36.18
CA HIS B 356 -15.97 -39.31 -34.76
C HIS B 356 -17.27 -38.51 -34.55
N TYR B 357 -17.98 -38.31 -35.66
CA TYR B 357 -19.28 -37.62 -35.74
C TYR B 357 -19.28 -36.19 -35.21
N GLY B 358 -18.29 -35.44 -35.69
CA GLY B 358 -18.10 -34.06 -35.30
C GLY B 358 -18.62 -33.04 -36.28
N LEU B 359 -18.92 -33.44 -37.51
CA LEU B 359 -19.44 -32.51 -38.52
C LEU B 359 -20.82 -31.92 -38.19
N PRO B 360 -21.76 -32.73 -37.62
CA PRO B 360 -23.06 -32.13 -37.30
C PRO B 360 -23.00 -31.04 -36.24
N VAL B 361 -22.13 -31.22 -35.25
CA VAL B 361 -21.98 -30.22 -34.19
C VAL B 361 -21.20 -29.00 -34.66
N VAL B 362 -20.21 -29.22 -35.54
CA VAL B 362 -19.40 -28.12 -36.06
C VAL B 362 -20.26 -27.16 -36.87
N VAL B 363 -21.16 -27.69 -37.69
CA VAL B 363 -22.05 -26.84 -38.50
C VAL B 363 -23.11 -26.17 -37.63
N LYS B 364 -23.59 -26.89 -36.60
CA LYS B 364 -24.61 -26.40 -35.67
C LYS B 364 -24.14 -25.15 -34.90
N LEU B 365 -22.83 -25.05 -34.68
CA LEU B 365 -22.23 -23.94 -33.96
C LEU B 365 -22.13 -22.63 -34.73
N LEU B 366 -22.53 -22.66 -36.00
CA LEU B 366 -22.51 -21.45 -36.84
C LEU B 366 -23.79 -20.67 -36.60
N HIS B 367 -24.82 -21.40 -36.15
CA HIS B 367 -26.16 -20.87 -35.86
C HIS B 367 -26.21 -20.33 -34.42
N PRO B 368 -27.13 -19.35 -34.13
CA PRO B 368 -27.26 -18.80 -32.77
C PRO B 368 -27.72 -19.90 -31.77
N PRO B 369 -27.58 -19.69 -30.44
CA PRO B 369 -27.07 -18.63 -29.54
C PRO B 369 -25.59 -18.28 -29.53
N SER B 370 -24.81 -18.91 -30.43
CA SER B 370 -23.36 -18.68 -30.49
C SER B 370 -22.96 -17.27 -30.93
N HIS B 371 -22.00 -16.71 -30.21
CA HIS B 371 -21.49 -15.36 -30.47
C HIS B 371 -20.44 -15.33 -31.58
N TRP B 372 -20.04 -14.12 -31.99
CA TRP B 372 -19.07 -13.95 -33.10
C TRP B 372 -17.69 -14.62 -33.02
N PRO B 373 -17.02 -14.67 -31.84
CA PRO B 373 -15.71 -15.34 -31.80
C PRO B 373 -15.74 -16.85 -32.07
N LEU B 374 -16.81 -17.51 -31.62
CA LEU B 374 -16.99 -18.95 -31.82
C LEU B 374 -17.32 -19.22 -33.29
N ILE B 375 -18.09 -18.31 -33.90
CA ILE B 375 -18.49 -18.43 -35.31
C ILE B 375 -17.25 -18.27 -36.19
N LYS B 376 -16.40 -17.30 -35.87
CA LYS B 376 -15.15 -17.04 -36.60
C LYS B 376 -14.24 -18.28 -36.60
N ALA B 377 -14.17 -18.93 -35.44
CA ALA B 377 -13.36 -20.14 -35.24
C ALA B 377 -13.94 -21.34 -35.98
N THR B 378 -15.27 -21.46 -35.95
CA THR B 378 -15.99 -22.54 -36.61
C THR B 378 -15.90 -22.44 -38.12
N VAL B 379 -16.07 -21.23 -38.65
CA VAL B 379 -16.00 -20.96 -40.08
C VAL B 379 -14.61 -21.35 -40.60
N GLY B 380 -13.59 -20.97 -39.83
CA GLY B 380 -12.21 -21.28 -40.17
C GLY B 380 -11.90 -22.78 -40.11
N LEU B 381 -12.58 -23.48 -39.19
CA LEU B 381 -12.41 -24.94 -39.05
C LEU B 381 -13.04 -25.65 -40.25
N ILE B 382 -14.19 -25.13 -40.69
CA ILE B 382 -14.92 -25.67 -41.84
C ILE B 382 -14.10 -25.54 -43.14
N ARG B 383 -13.36 -24.44 -43.26
CA ARG B 383 -12.49 -24.18 -44.42
C ARG B 383 -11.46 -25.30 -44.56
N ASN B 384 -10.97 -25.76 -43.40
CA ASN B 384 -9.99 -26.82 -43.34
C ASN B 384 -10.62 -28.19 -43.59
N LEU B 385 -11.82 -28.39 -43.04
CA LEU B 385 -12.55 -29.64 -43.19
C LEU B 385 -12.99 -29.93 -44.61
N ALA B 386 -13.18 -28.85 -45.37
CA ALA B 386 -13.59 -28.95 -46.76
C ALA B 386 -12.46 -29.40 -47.69
N LEU B 387 -11.22 -29.38 -47.19
CA LEU B 387 -10.02 -29.79 -47.95
C LEU B 387 -10.05 -31.29 -48.21
N CYS B 388 -10.80 -32.01 -47.38
CA CYS B 388 -10.98 -33.45 -47.52
C CYS B 388 -12.21 -33.60 -48.43
N PRO B 389 -12.07 -34.32 -49.57
CA PRO B 389 -13.21 -34.53 -50.49
C PRO B 389 -14.35 -35.34 -49.89
N ALA B 390 -14.02 -36.21 -48.94
CA ALA B 390 -14.97 -37.07 -48.23
C ALA B 390 -15.89 -36.28 -47.27
N ASN B 391 -15.55 -35.00 -47.06
CA ASN B 391 -16.32 -34.11 -46.20
C ASN B 391 -17.21 -33.16 -47.00
N HIS B 392 -17.03 -33.15 -48.33
CA HIS B 392 -17.81 -32.28 -49.22
C HIS B 392 -19.31 -32.48 -49.14
N ALA B 393 -19.75 -33.73 -49.25
CA ALA B 393 -21.17 -34.05 -49.18
C ALA B 393 -21.73 -33.90 -47.76
N PRO B 394 -21.09 -34.51 -46.70
CA PRO B 394 -21.61 -34.37 -45.33
C PRO B 394 -21.75 -32.94 -44.80
N LEU B 395 -20.91 -32.03 -45.30
CA LEU B 395 -20.94 -30.62 -44.90
C LEU B 395 -22.13 -29.89 -45.53
N ARG B 396 -22.51 -30.31 -46.74
CA ARG B 396 -23.65 -29.74 -47.48
C ARG B 396 -24.96 -30.26 -46.87
N GLU B 397 -25.02 -31.56 -46.62
CA GLU B 397 -26.18 -32.25 -46.04
C GLU B 397 -26.59 -31.67 -44.68
N GLN B 398 -25.59 -31.14 -43.96
CA GLN B 398 -25.79 -30.53 -42.64
C GLN B 398 -26.19 -29.06 -42.71
N GLY B 399 -26.23 -28.54 -43.93
CA GLY B 399 -26.64 -27.17 -44.15
C GLY B 399 -25.61 -26.10 -43.90
N ALA B 400 -24.35 -26.38 -44.23
CA ALA B 400 -23.27 -25.43 -44.05
C ALA B 400 -23.34 -24.29 -45.05
N ILE B 401 -23.61 -24.63 -46.31
CA ILE B 401 -23.69 -23.65 -47.40
C ILE B 401 -24.70 -22.49 -47.22
N PRO B 402 -25.99 -22.75 -46.83
CA PRO B 402 -26.91 -21.62 -46.65
C PRO B 402 -26.48 -20.67 -45.52
N ARG B 403 -26.01 -21.26 -44.42
CA ARG B 403 -25.55 -20.48 -43.26
C ARG B 403 -24.27 -19.70 -43.53
N LEU B 404 -23.32 -20.32 -44.24
CA LEU B 404 -22.06 -19.65 -44.60
C LEU B 404 -22.35 -18.45 -45.51
N VAL B 405 -23.32 -18.59 -46.41
CA VAL B 405 -23.71 -17.52 -47.33
C VAL B 405 -24.47 -16.41 -46.56
N GLN B 406 -25.34 -16.82 -45.63
CA GLN B 406 -26.14 -15.91 -44.79
C GLN B 406 -25.22 -15.05 -43.90
N LEU B 407 -24.16 -15.68 -43.37
CA LEU B 407 -23.17 -15.00 -42.54
C LEU B 407 -22.31 -14.05 -43.37
N LEU B 408 -22.11 -14.41 -44.64
CA LEU B 408 -21.33 -13.59 -45.58
C LEU B 408 -22.10 -12.33 -45.99
N VAL B 409 -23.41 -12.46 -46.13
CA VAL B 409 -24.30 -11.36 -46.51
C VAL B 409 -24.40 -10.34 -45.36
N ARG B 410 -24.64 -10.83 -44.14
CA ARG B 410 -24.75 -9.97 -42.94
C ARG B 410 -23.46 -9.18 -42.68
N ALA B 411 -22.32 -9.87 -42.84
CA ALA B 411 -21.00 -9.30 -42.63
C ALA B 411 -20.57 -8.30 -43.68
N HIS B 412 -21.01 -8.50 -44.91
CA HIS B 412 -20.70 -7.58 -46.02
C HIS B 412 -21.57 -6.34 -45.88
N GLN B 413 -22.81 -6.52 -45.42
CA GLN B 413 -23.76 -5.42 -45.22
C GLN B 413 -23.33 -4.49 -44.08
N ASP B 414 -22.65 -5.06 -43.08
CA ASP B 414 -22.14 -4.31 -41.93
C ASP B 414 -20.88 -3.52 -42.29
N THR B 415 -20.19 -3.97 -43.34
CA THR B 415 -18.98 -3.32 -43.85
C THR B 415 -19.42 -2.15 -44.74
N GLN B 416 -20.66 -2.24 -45.24
CA GLN B 416 -21.26 -1.20 -46.09
C GLN B 416 -22.06 -0.15 -45.32
N ARG B 417 -22.35 -0.45 -44.04
CA ARG B 417 -23.09 0.47 -43.15
C ARG B 417 -22.11 1.39 -42.43
N ARG B 418 -20.84 1.00 -42.43
CA ARG B 418 -19.76 1.75 -41.79
C ARG B 418 -18.66 2.18 -42.77
N THR B 419 -19.04 2.43 -44.03
CA THR B 419 -18.11 2.87 -45.08
C THR B 419 -17.82 4.38 -44.90
N SER B 420 -18.86 5.14 -44.57
CA SER B 420 -18.76 6.58 -44.35
C SER B 420 -18.44 6.90 -42.88
N GLN B 427 -15.40 -1.23 -36.09
CA GLN B 427 -14.63 -1.61 -34.86
C GLN B 427 -14.72 -3.13 -34.61
N PHE B 428 -14.74 -3.54 -33.34
CA PHE B 428 -14.83 -4.94 -32.96
C PHE B 428 -16.24 -5.26 -32.43
N VAL B 429 -17.08 -5.86 -33.29
CA VAL B 429 -18.45 -6.26 -32.93
C VAL B 429 -18.34 -7.60 -32.19
N GLU B 430 -18.62 -7.55 -30.88
CA GLU B 430 -18.54 -8.69 -29.94
C GLU B 430 -17.12 -9.26 -29.80
N GLY B 431 -16.15 -8.47 -30.25
CA GLY B 431 -14.74 -8.84 -30.19
C GLY B 431 -14.09 -9.20 -31.53
N VAL B 432 -14.87 -9.23 -32.61
CA VAL B 432 -14.36 -9.58 -33.95
C VAL B 432 -14.72 -8.54 -35.01
N ARG B 433 -13.82 -8.37 -35.98
CA ARG B 433 -14.02 -7.45 -37.11
C ARG B 433 -14.90 -8.20 -38.12
N MET B 434 -15.74 -7.47 -38.84
CA MET B 434 -16.62 -8.09 -39.83
C MET B 434 -15.98 -8.54 -41.14
N GLU B 435 -14.78 -8.01 -41.42
CA GLU B 435 -14.03 -8.36 -42.62
C GLU B 435 -13.35 -9.73 -42.50
N GLU B 436 -13.21 -10.19 -41.25
CA GLU B 436 -12.63 -11.50 -40.94
C GLU B 436 -13.66 -12.59 -41.24
N ILE B 437 -14.93 -12.25 -41.02
CA ILE B 437 -16.07 -13.14 -41.26
C ILE B 437 -16.31 -13.26 -42.77
N VAL B 438 -16.05 -12.16 -43.50
CA VAL B 438 -16.20 -12.12 -44.95
C VAL B 438 -15.14 -13.02 -45.60
N GLU B 439 -13.91 -12.96 -45.08
CA GLU B 439 -12.78 -13.75 -45.60
C GLU B 439 -12.95 -15.24 -45.32
N GLY B 440 -13.35 -15.56 -44.09
CA GLY B 440 -13.54 -16.94 -43.69
C GLY B 440 -14.66 -17.65 -44.41
N CYS B 441 -15.80 -16.97 -44.55
CA CYS B 441 -16.98 -17.52 -45.22
C CYS B 441 -16.78 -17.73 -46.70
N THR B 442 -16.19 -16.75 -47.36
CA THR B 442 -15.91 -16.82 -48.81
C THR B 442 -14.82 -17.89 -48.99
N GLY B 443 -13.96 -18.02 -47.97
CA GLY B 443 -12.87 -18.99 -47.97
C GLY B 443 -13.33 -20.42 -47.82
N ALA B 444 -14.37 -20.61 -47.00
CA ALA B 444 -14.96 -21.92 -46.76
C ALA B 444 -15.78 -22.35 -47.98
N LEU B 445 -16.40 -21.37 -48.64
CA LEU B 445 -17.20 -21.61 -49.83
C LEU B 445 -16.32 -21.90 -51.04
N HIS B 446 -15.09 -21.36 -51.01
CA HIS B 446 -14.07 -21.54 -52.05
C HIS B 446 -13.64 -23.01 -52.11
N ILE B 447 -13.25 -23.53 -50.95
CA ILE B 447 -12.81 -24.91 -50.81
C ILE B 447 -13.97 -25.90 -50.99
N LEU B 448 -15.18 -25.48 -50.63
CA LEU B 448 -16.38 -26.32 -50.75
C LEU B 448 -16.83 -26.39 -52.21
N ALA B 449 -16.51 -25.35 -52.99
CA ALA B 449 -16.88 -25.26 -54.40
C ALA B 449 -16.06 -26.17 -55.33
N ARG B 450 -15.22 -27.03 -54.74
CA ARG B 450 -14.43 -27.98 -55.51
C ARG B 450 -15.33 -29.14 -55.97
N ASP B 451 -16.44 -29.32 -55.26
CA ASP B 451 -17.44 -30.34 -55.53
C ASP B 451 -18.55 -29.76 -56.43
N VAL B 452 -18.94 -30.57 -57.42
CA VAL B 452 -19.96 -30.20 -58.41
C VAL B 452 -21.38 -29.99 -57.85
N HIS B 453 -21.77 -30.83 -56.90
CA HIS B 453 -23.10 -30.75 -56.27
C HIS B 453 -23.19 -29.52 -55.38
N ASN B 454 -22.04 -29.12 -54.80
CA ASN B 454 -21.94 -27.95 -53.93
C ASN B 454 -22.07 -26.65 -54.71
N ARG B 455 -21.52 -26.65 -55.93
CA ARG B 455 -21.55 -25.49 -56.82
C ARG B 455 -22.95 -25.05 -57.21
N ILE B 456 -23.85 -26.03 -57.37
CA ILE B 456 -25.25 -25.80 -57.73
C ILE B 456 -25.96 -25.06 -56.59
N VAL B 457 -25.67 -25.48 -55.35
CA VAL B 457 -26.25 -24.86 -54.14
C VAL B 457 -25.73 -23.44 -53.95
N ILE B 458 -24.42 -23.24 -54.14
CA ILE B 458 -23.77 -21.94 -54.00
C ILE B 458 -24.28 -20.94 -55.07
N ARG B 459 -24.40 -21.41 -56.31
CA ARG B 459 -24.88 -20.60 -57.43
C ARG B 459 -26.38 -20.33 -57.33
N GLY B 460 -27.11 -21.33 -56.85
CA GLY B 460 -28.57 -21.24 -56.70
C GLY B 460 -29.09 -20.27 -55.64
N LEU B 461 -28.20 -19.79 -54.79
CA LEU B 461 -28.55 -18.83 -53.73
C LEU B 461 -28.22 -17.38 -54.12
N ASN B 462 -28.06 -17.15 -55.44
CA ASN B 462 -27.72 -15.84 -56.04
C ASN B 462 -26.51 -15.26 -55.30
N THR B 463 -25.38 -15.94 -55.46
CA THR B 463 -24.18 -15.54 -54.72
C THR B 463 -23.10 -14.96 -55.66
N ILE B 464 -23.34 -15.08 -56.97
CA ILE B 464 -22.42 -14.55 -57.98
C ILE B 464 -22.26 -13.00 -58.00
N PRO B 465 -23.36 -12.20 -57.80
CA PRO B 465 -23.18 -10.74 -57.82
C PRO B 465 -22.30 -10.22 -56.66
N LEU B 466 -22.49 -10.86 -55.50
CA LEU B 466 -21.76 -10.55 -54.26
C LEU B 466 -20.27 -10.87 -54.39
N PHE B 467 -19.98 -12.00 -55.03
CA PHE B 467 -18.60 -12.46 -55.25
C PHE B 467 -17.78 -11.56 -56.17
N VAL B 468 -18.44 -10.92 -57.13
CA VAL B 468 -17.79 -10.00 -58.07
C VAL B 468 -17.51 -8.65 -57.37
N GLN B 469 -18.33 -8.32 -56.37
CA GLN B 469 -18.17 -7.10 -55.58
C GLN B 469 -16.99 -7.18 -54.61
N LEU B 470 -16.61 -8.42 -54.27
CA LEU B 470 -15.50 -8.69 -53.36
C LEU B 470 -14.12 -8.63 -54.04
N LEU B 471 -14.12 -8.32 -55.33
CA LEU B 471 -12.88 -8.21 -56.11
C LEU B 471 -12.33 -6.78 -56.05
N TYR B 472 -13.15 -5.86 -55.54
CA TYR B 472 -12.81 -4.45 -55.40
C TYR B 472 -12.37 -4.06 -53.99
N SER B 473 -12.52 -4.97 -53.04
CA SER B 473 -12.15 -4.75 -51.63
C SER B 473 -10.65 -4.53 -51.41
N PRO B 474 -10.24 -3.57 -50.54
CA PRO B 474 -8.83 -3.28 -50.28
C PRO B 474 -7.96 -4.39 -49.67
N ILE B 475 -8.57 -5.26 -48.85
CA ILE B 475 -7.85 -6.36 -48.21
C ILE B 475 -7.57 -7.47 -49.23
N GLU B 476 -6.28 -7.74 -49.43
CA GLU B 476 -5.74 -8.74 -50.36
C GLU B 476 -6.26 -10.17 -50.16
N ASN B 477 -6.53 -10.52 -48.91
CA ASN B 477 -7.03 -11.84 -48.55
C ASN B 477 -8.46 -12.12 -49.02
N ILE B 478 -9.28 -11.06 -49.14
CA ILE B 478 -10.68 -11.17 -49.59
C ILE B 478 -10.68 -11.40 -51.10
N GLN B 479 -9.79 -10.69 -51.81
CA GLN B 479 -9.66 -10.77 -53.27
C GLN B 479 -9.14 -12.14 -53.72
N ARG B 480 -8.38 -12.79 -52.84
CA ARG B 480 -7.80 -14.11 -53.07
C ARG B 480 -8.87 -15.20 -53.07
N VAL B 481 -9.68 -15.19 -52.01
CA VAL B 481 -10.75 -16.16 -51.84
C VAL B 481 -11.98 -15.87 -52.70
N ALA B 482 -12.13 -14.61 -53.13
CA ALA B 482 -13.24 -14.18 -54.00
C ALA B 482 -12.99 -14.65 -55.42
N ALA B 483 -11.74 -14.48 -55.88
CA ALA B 483 -11.33 -14.90 -57.21
C ALA B 483 -11.19 -16.43 -57.23
N GLY B 484 -10.95 -16.98 -56.04
CA GLY B 484 -10.81 -18.41 -55.85
C GLY B 484 -12.11 -19.18 -55.98
N VAL B 485 -13.20 -18.60 -55.49
CA VAL B 485 -14.52 -19.22 -55.55
C VAL B 485 -15.12 -19.05 -56.95
N LEU B 486 -14.81 -17.91 -57.57
CA LEU B 486 -15.28 -17.60 -58.92
C LEU B 486 -14.56 -18.46 -59.96
N CYS B 487 -13.36 -18.90 -59.60
CA CYS B 487 -12.53 -19.78 -60.43
C CYS B 487 -13.15 -21.16 -60.47
N GLU B 488 -13.58 -21.62 -59.29
CA GLU B 488 -14.21 -22.93 -59.13
C GLU B 488 -15.58 -22.98 -59.78
N LEU B 489 -16.33 -21.87 -59.69
CA LEU B 489 -17.65 -21.77 -60.29
C LEU B 489 -17.62 -21.64 -61.80
N ALA B 490 -16.51 -21.11 -62.32
CA ALA B 490 -16.29 -20.90 -63.75
C ALA B 490 -16.20 -22.15 -64.63
N GLN B 491 -15.84 -23.29 -64.03
CA GLN B 491 -15.71 -24.56 -64.77
C GLN B 491 -17.06 -25.21 -65.09
N ASP B 492 -18.06 -24.72 -64.33
CA ASP B 492 -19.47 -24.87 -64.56
C ASP B 492 -19.98 -23.81 -65.53
N LYS B 493 -20.03 -24.32 -66.76
CA LYS B 493 -20.08 -23.68 -68.05
C LYS B 493 -21.02 -22.50 -68.14
N GLU B 494 -22.19 -22.82 -67.61
CA GLU B 494 -23.37 -21.96 -67.49
C GLU B 494 -23.12 -20.81 -66.51
N ALA B 495 -22.26 -21.07 -65.52
CA ALA B 495 -21.88 -20.10 -64.50
C ALA B 495 -20.91 -19.06 -65.03
N ALA B 496 -20.03 -19.49 -65.94
CA ALA B 496 -19.02 -18.62 -66.56
C ALA B 496 -19.64 -17.48 -67.37
N GLU B 497 -20.84 -17.74 -67.91
CA GLU B 497 -21.61 -16.76 -68.68
C GLU B 497 -22.30 -15.76 -67.77
N ALA B 498 -22.65 -16.21 -66.56
CA ALA B 498 -23.32 -15.40 -65.54
C ALA B 498 -22.33 -14.49 -64.80
N ILE B 499 -21.06 -14.92 -64.77
CA ILE B 499 -19.97 -14.17 -64.13
C ILE B 499 -19.56 -13.02 -65.05
N GLU B 500 -19.54 -13.27 -66.37
CA GLU B 500 -19.18 -12.29 -67.39
C GLU B 500 -20.29 -11.25 -67.59
N ALA B 501 -21.54 -11.68 -67.40
CA ALA B 501 -22.72 -10.84 -67.54
C ALA B 501 -22.84 -9.84 -66.39
N GLU B 502 -22.13 -10.14 -65.30
CA GLU B 502 -22.11 -9.30 -64.10
C GLU B 502 -20.92 -8.30 -64.14
N GLY B 503 -20.26 -8.22 -65.29
CA GLY B 503 -19.14 -7.31 -65.47
C GLY B 503 -17.87 -7.65 -64.70
N ALA B 504 -17.46 -8.92 -64.79
CA ALA B 504 -16.27 -9.40 -64.10
C ALA B 504 -14.98 -9.31 -64.90
N THR B 505 -15.09 -9.03 -66.21
CA THR B 505 -13.95 -8.94 -67.11
C THR B 505 -12.96 -7.81 -66.76
N ALA B 506 -13.50 -6.66 -66.32
CA ALA B 506 -12.67 -5.50 -65.96
C ALA B 506 -11.81 -5.59 -64.67
N PRO B 507 -12.39 -6.04 -63.51
CA PRO B 507 -11.56 -6.13 -62.30
C PRO B 507 -10.51 -7.26 -62.24
N LEU B 508 -10.77 -8.35 -62.96
CA LEU B 508 -9.87 -9.51 -63.00
C LEU B 508 -8.59 -9.30 -63.81
N THR B 509 -8.62 -8.27 -64.68
CA THR B 509 -7.48 -7.92 -65.53
C THR B 509 -6.45 -7.12 -64.70
N GLU B 510 -6.94 -6.35 -63.74
CA GLU B 510 -6.10 -5.54 -62.86
C GLU B 510 -5.54 -6.32 -61.66
N LEU B 511 -6.13 -7.49 -61.41
CA LEU B 511 -5.70 -8.37 -60.31
C LEU B 511 -4.58 -9.33 -60.75
N LEU B 512 -4.31 -9.35 -62.06
CA LEU B 512 -3.28 -10.18 -62.68
C LEU B 512 -1.85 -9.86 -62.25
N HIS B 513 -1.58 -8.57 -62.04
CA HIS B 513 -0.25 -8.10 -61.64
C HIS B 513 -0.13 -7.76 -60.14
N SER B 514 -0.71 -8.62 -59.28
CA SER B 514 -0.66 -8.41 -57.83
C SER B 514 0.54 -9.11 -57.18
N ARG B 515 0.93 -8.59 -56.00
CA ARG B 515 2.07 -9.09 -55.20
C ARG B 515 1.85 -10.44 -54.50
N ASN B 516 0.65 -10.99 -54.69
CA ASN B 516 0.26 -12.28 -54.11
C ASN B 516 0.20 -13.32 -55.23
N GLU B 517 0.69 -14.52 -54.92
CA GLU B 517 0.74 -15.65 -55.86
C GLU B 517 -0.64 -16.20 -56.23
N GLY B 518 -1.52 -16.30 -55.23
CA GLY B 518 -2.87 -16.82 -55.41
C GLY B 518 -3.84 -15.97 -56.22
N VAL B 519 -3.89 -14.67 -55.93
CA VAL B 519 -4.79 -13.72 -56.59
C VAL B 519 -4.51 -13.65 -58.10
N ALA B 520 -3.22 -13.71 -58.45
CA ALA B 520 -2.76 -13.66 -59.84
C ALA B 520 -3.10 -14.93 -60.63
N THR B 521 -2.99 -16.08 -59.96
CA THR B 521 -3.28 -17.39 -60.55
C THR B 521 -4.77 -17.58 -60.84
N TYR B 522 -5.60 -17.26 -59.83
CA TYR B 522 -7.06 -17.39 -59.93
C TYR B 522 -7.72 -16.41 -60.89
N ALA B 523 -7.26 -15.16 -60.89
CA ALA B 523 -7.80 -14.12 -61.77
C ALA B 523 -7.57 -14.45 -63.25
N ALA B 524 -6.45 -15.13 -63.51
CA ALA B 524 -6.06 -15.57 -64.84
C ALA B 524 -6.92 -16.76 -65.27
N ALA B 525 -7.29 -17.57 -64.27
CA ALA B 525 -8.10 -18.77 -64.46
C ALA B 525 -9.56 -18.49 -64.80
N VAL B 526 -10.13 -17.43 -64.23
CA VAL B 526 -11.53 -17.05 -64.50
C VAL B 526 -11.65 -16.47 -65.91
N LEU B 527 -10.66 -15.67 -66.31
CA LEU B 527 -10.63 -15.05 -67.65
C LEU B 527 -10.42 -16.07 -68.76
N PHE B 528 -9.72 -17.16 -68.44
CA PHE B 528 -9.43 -18.23 -69.38
C PHE B 528 -10.66 -19.15 -69.57
N ARG B 529 -11.44 -19.30 -68.49
CA ARG B 529 -12.63 -20.15 -68.50
C ARG B 529 -13.86 -19.50 -69.16
N MET B 530 -13.92 -18.17 -69.12
CA MET B 530 -15.04 -17.41 -69.72
C MET B 530 -14.95 -17.29 -71.24
N SER B 531 -13.73 -17.30 -71.77
CA SER B 531 -13.48 -17.18 -73.20
C SER B 531 -13.39 -18.54 -73.91
N GLU B 532 -12.53 -19.43 -73.42
CA GLU B 532 -12.33 -20.76 -73.99
C GLU B 532 -13.32 -21.81 -73.43
N LYS C 107 2.91 19.94 -36.55
CA LYS C 107 2.82 18.79 -35.61
C LYS C 107 1.49 18.05 -35.77
N GLN C 108 1.52 16.73 -35.57
CA GLN C 108 0.33 15.87 -35.69
C GLN C 108 -0.50 15.89 -34.39
N ALA C 109 -1.75 15.43 -34.48
CA ALA C 109 -2.69 15.39 -33.35
C ALA C 109 -2.34 14.36 -32.27
N ALA C 110 -1.63 13.31 -32.67
CA ALA C 110 -1.20 12.24 -31.77
C ALA C 110 0.08 12.60 -31.00
N VAL C 111 0.88 13.50 -31.57
CA VAL C 111 2.12 13.94 -30.94
C VAL C 111 1.90 15.17 -30.05
N ASN C 112 0.96 16.04 -30.47
CA ASN C 112 0.60 17.26 -29.73
C ASN C 112 -0.14 16.91 -28.43
N ALA C 113 -0.90 15.81 -28.49
CA ALA C 113 -1.67 15.31 -27.34
C ALA C 113 -0.77 14.46 -26.43
N ALA C 114 0.44 14.17 -26.91
CA ALA C 114 1.44 13.39 -26.17
C ALA C 114 2.39 14.26 -25.37
N VAL C 115 2.69 15.46 -25.87
CA VAL C 115 3.59 16.42 -25.18
C VAL C 115 2.84 16.95 -23.94
N GLN C 116 1.52 16.99 -24.05
CA GLN C 116 0.62 17.45 -23.01
C GLN C 116 0.51 16.36 -21.93
N ARG C 117 0.51 15.10 -22.38
CA ARG C 117 0.41 13.93 -21.51
C ARG C 117 1.68 13.60 -20.72
N VAL C 118 2.84 13.90 -21.32
CA VAL C 118 4.17 13.66 -20.70
C VAL C 118 4.31 14.56 -19.47
N GLN C 119 3.78 15.78 -19.60
CA GLN C 119 3.80 16.80 -18.56
C GLN C 119 2.85 16.47 -17.38
N VAL C 120 3.33 16.71 -16.16
CA VAL C 120 2.55 16.42 -14.95
C VAL C 120 2.32 17.62 -14.03
N LEU C 121 1.29 17.51 -13.19
CA LEU C 121 0.91 18.52 -12.21
C LEU C 121 1.13 17.94 -10.82
N PRO C 122 1.99 18.58 -9.98
CA PRO C 122 2.27 18.09 -8.62
C PRO C 122 1.26 18.45 -7.53
N ASP C 123 1.70 18.30 -6.27
CA ASP C 123 0.93 18.59 -5.06
C ASP C 123 1.93 18.89 -3.93
N ALA C 124 1.63 19.93 -3.15
CA ALA C 124 2.48 20.33 -2.03
C ALA C 124 1.90 19.90 -0.70
N ASP C 125 2.71 19.18 0.07
CA ASP C 125 2.32 18.68 1.40
C ASP C 125 2.84 19.65 2.45
N TPO C 126 1.93 20.41 3.04
CA TPO C 126 2.29 21.40 4.06
CB TPO C 126 1.44 22.70 3.95
CG2 TPO C 126 2.03 23.83 4.81
OG1 TPO C 126 1.41 23.13 2.59
P TPO C 126 0.02 22.94 1.76
O1P TPO C 126 -1.08 23.80 2.51
O2P TPO C 126 -0.34 21.37 1.76
O3P TPO C 126 0.32 23.52 0.28
C TPO C 126 2.14 20.82 5.47
O TPO C 126 1.21 20.07 5.75
N LEU C 127 3.10 21.17 6.31
CA LEU C 127 3.13 20.75 7.70
C LEU C 127 2.29 21.73 8.53
N LEU C 128 1.71 21.20 9.59
CA LEU C 128 0.90 21.97 10.50
C LEU C 128 1.73 22.12 11.78
N HIS C 129 2.00 23.37 12.15
CA HIS C 129 2.82 23.67 13.32
C HIS C 129 2.05 23.85 14.62
N PHE C 130 2.24 22.87 15.49
CA PHE C 130 1.61 22.83 16.81
C PHE C 130 2.67 23.06 17.86
N ALA C 131 2.33 23.89 18.85
CA ALA C 131 3.22 24.24 19.97
C ALA C 131 2.44 24.36 21.27
N THR C 132 2.03 23.21 21.80
CA THR C 132 1.23 23.12 23.02
C THR C 132 2.06 22.68 24.23
N GLU C 133 2.35 23.62 25.14
CA GLU C 133 3.10 23.26 26.37
C GLU C 133 2.24 23.39 27.63
N SER C 134 1.09 24.05 27.49
CA SER C 134 0.13 24.26 28.59
C SER C 134 -1.32 24.28 28.09
N THR C 135 -2.11 23.34 28.63
CA THR C 135 -3.56 23.18 28.37
C THR C 135 -4.11 22.26 29.46
N SER C 142 -3.73 16.79 39.11
CA SER C 142 -4.58 16.44 40.32
C SER C 142 -4.05 15.13 40.88
N SEP C 143 -4.07 15.02 42.21
CA SEP C 143 -3.54 13.91 43.03
CB SEP C 143 -3.96 12.48 42.63
OG SEP C 143 -4.45 11.77 43.78
C SEP C 143 -2.02 14.04 43.05
O SEP C 143 -1.35 13.91 42.02
P SEP C 143 -4.13 10.31 43.36
O1P SEP C 143 -4.83 9.60 42.17
O2P SEP C 143 -4.73 9.74 44.72
O3P SEP C 143 -2.57 10.24 43.35
N SEP C 144 -1.50 14.35 44.24
CA SEP C 144 -0.07 14.56 44.50
CB SEP C 144 0.12 14.93 45.98
OG SEP C 144 -1.03 15.58 46.52
C SEP C 144 0.79 13.34 44.24
O SEP C 144 0.31 12.20 44.24
P SEP C 144 -0.37 16.38 47.63
O1P SEP C 144 0.30 15.68 48.88
O2P SEP C 144 -1.76 17.02 48.08
O3P SEP C 144 0.57 17.40 46.88
N LEU C 145 2.08 13.60 43.99
CA LEU C 145 3.07 12.55 43.76
C LEU C 145 3.35 11.99 45.15
N SEP C 146 3.41 10.66 45.28
CA SEP C 146 3.63 10.05 46.59
CB SEP C 146 3.22 8.57 46.66
OG SEP C 146 3.31 7.85 45.45
C SEP C 146 5.08 10.25 47.07
O SEP C 146 6.02 10.27 46.27
P SEP C 146 2.19 6.82 45.72
O1P SEP C 146 2.28 5.77 46.87
O2P SEP C 146 2.41 6.08 44.33
O3P SEP C 146 0.87 7.65 45.71
N ALA C 147 5.18 10.53 48.37
CA ALA C 147 6.45 10.79 49.06
C ALA C 147 7.38 9.61 49.10
N LEU C 148 8.67 9.91 49.17
CA LEU C 148 9.73 8.91 49.20
C LEU C 148 9.80 8.13 50.51
N SEP C 149 10.08 6.84 50.38
CA SEP C 149 10.18 5.89 51.49
CB SEP C 149 10.15 4.45 50.95
OG SEP C 149 10.33 4.46 49.53
C SEP C 149 11.47 6.19 52.29
O SEP C 149 12.58 5.80 51.90
P SEP C 149 9.62 3.14 49.14
O1P SEP C 149 10.18 1.74 49.54
O2P SEP C 149 9.93 3.40 47.59
O3P SEP C 149 8.11 3.38 49.52
N LEU C 150 11.30 6.98 53.34
CA LEU C 150 12.39 7.42 54.22
C LEU C 150 12.10 7.13 55.69
N ASP C 151 13.15 7.13 56.51
CA ASP C 151 13.03 6.87 57.95
C ASP C 151 12.79 8.19 58.71
N GLU C 152 11.58 8.71 58.51
CA GLU C 152 11.08 9.96 59.11
C GLU C 152 9.59 9.76 59.37
N PRO C 153 9.01 10.50 60.34
CA PRO C 153 7.56 10.33 60.59
C PRO C 153 6.77 11.13 59.55
N PHE C 154 5.48 10.85 59.42
CA PHE C 154 4.64 11.59 58.48
C PHE C 154 4.38 13.01 58.98
N ILE C 155 4.96 13.98 58.27
CA ILE C 155 4.78 15.39 58.60
C ILE C 155 3.91 15.99 57.51
N GLN C 156 2.81 16.59 57.92
CA GLN C 156 1.86 17.20 57.02
C GLN C 156 2.28 18.64 56.69
N LYS C 157 2.14 19.01 55.42
CA LYS C 157 2.49 20.34 54.96
C LYS C 157 1.45 21.36 55.41
N ASP C 158 1.90 22.60 55.63
CA ASP C 158 1.03 23.70 56.05
C ASP C 158 -0.12 23.86 55.06
N VAL C 159 -1.28 24.26 55.57
CA VAL C 159 -2.49 24.43 54.76
C VAL C 159 -2.34 25.43 53.61
N GLU C 160 -1.57 26.50 53.86
CA GLU C 160 -1.29 27.56 52.88
C GLU C 160 -0.53 27.01 51.66
N LEU C 161 0.21 25.92 51.86
CA LEU C 161 1.01 25.27 50.83
C LEU C 161 0.22 24.31 49.95
N ARG C 162 -0.62 23.46 50.55
CA ARG C 162 -1.41 22.49 49.81
C ARG C 162 -2.77 22.98 49.32
N ILE C 163 -3.07 24.26 49.60
CA ILE C 163 -4.33 24.87 49.17
C ILE C 163 -4.09 25.80 47.98
N MET C 164 -2.93 26.47 48.00
CA MET C 164 -2.54 27.41 46.96
C MET C 164 -1.77 26.79 45.78
N PRO C 165 -2.02 27.25 44.53
CA PRO C 165 -1.33 26.72 43.35
C PRO C 165 0.17 27.15 43.31
N PRO C 166 1.06 26.30 42.74
CA PRO C 166 2.50 26.63 42.65
C PRO C 166 2.83 27.94 41.93
N VAL C 167 3.94 28.55 42.35
CA VAL C 167 4.43 29.83 41.80
C VAL C 167 4.71 29.75 40.29
N GLN C 168 4.14 30.70 39.55
CA GLN C 168 4.31 30.77 38.10
C GLN C 168 5.30 31.89 37.72
N GLN D 108 -5.25 -25.28 -74.18
CA GLN D 108 -4.25 -25.02 -73.11
C GLN D 108 -4.87 -25.15 -71.71
N ALA D 109 -5.97 -25.92 -71.64
CA ALA D 109 -6.71 -26.16 -70.38
C ALA D 109 -5.96 -27.08 -69.40
N ALA D 110 -4.82 -27.59 -69.85
CA ALA D 110 -3.95 -28.46 -69.05
C ALA D 110 -2.95 -27.63 -68.24
N VAL D 111 -2.82 -26.35 -68.60
CA VAL D 111 -1.91 -25.44 -67.93
C VAL D 111 -2.58 -24.65 -66.81
N ASN D 112 -3.83 -24.23 -67.05
CA ASN D 112 -4.62 -23.46 -66.09
C ASN D 112 -5.12 -24.33 -64.94
N ALA D 113 -5.76 -25.46 -65.27
CA ALA D 113 -6.31 -26.42 -64.30
C ALA D 113 -5.26 -27.03 -63.37
N ALA D 114 -4.02 -27.09 -63.86
CA ALA D 114 -2.90 -27.64 -63.11
C ALA D 114 -2.28 -26.59 -62.18
N VAL D 115 -2.35 -25.33 -62.58
CA VAL D 115 -1.81 -24.20 -61.82
C VAL D 115 -2.56 -23.94 -60.51
N GLN D 116 -3.88 -24.16 -60.55
CA GLN D 116 -4.78 -23.99 -59.41
C GLN D 116 -4.57 -25.09 -58.37
N ARG D 117 -4.24 -26.28 -58.87
CA ARG D 117 -4.01 -27.45 -58.01
C ARG D 117 -2.64 -27.43 -57.32
N VAL D 118 -1.65 -26.78 -57.95
CA VAL D 118 -0.29 -26.67 -57.41
C VAL D 118 -0.24 -25.75 -56.16
N GLN D 119 -0.91 -24.60 -56.24
CA GLN D 119 -0.92 -23.65 -55.12
C GLN D 119 -1.97 -23.90 -54.02
N VAL D 120 -1.53 -23.76 -52.77
CA VAL D 120 -2.39 -23.95 -51.61
C VAL D 120 -2.76 -22.59 -51.03
N LEU D 121 -3.59 -22.60 -50.00
CA LEU D 121 -4.04 -21.39 -49.31
C LEU D 121 -4.19 -21.74 -47.84
N PRO D 122 -3.47 -21.00 -46.95
CA PRO D 122 -3.55 -21.25 -45.51
C PRO D 122 -4.76 -20.62 -44.82
N ASP D 123 -4.70 -20.58 -43.48
CA ASP D 123 -5.71 -19.99 -42.61
C ASP D 123 -4.95 -19.69 -41.32
N ALA D 124 -4.86 -18.40 -41.00
CA ALA D 124 -4.12 -17.89 -39.83
C ALA D 124 -4.59 -18.40 -38.46
N ASP D 125 -3.71 -19.15 -37.78
CA ASP D 125 -4.03 -19.65 -36.46
C ASP D 125 -3.44 -18.76 -35.37
N TPO D 126 -4.31 -18.26 -34.48
CA TPO D 126 -3.88 -17.33 -33.44
CB TPO D 126 -4.69 -16.00 -33.45
CG2 TPO D 126 -5.04 -15.54 -34.88
OG1 TPO D 126 -5.90 -16.10 -32.66
P TPO D 126 -7.16 -17.15 -32.96
O1P TPO D 126 -6.69 -18.64 -32.78
O2P TPO D 126 -7.73 -16.87 -34.45
O3P TPO D 126 -8.24 -16.81 -31.79
C TPO D 126 -3.91 -17.90 -32.01
O TPO D 126 -4.26 -19.07 -31.79
N LEU D 127 -3.58 -17.04 -31.06
CA LEU D 127 -3.54 -17.39 -29.64
C LEU D 127 -4.74 -16.84 -28.90
N LEU D 128 -5.01 -17.43 -27.75
CA LEU D 128 -6.08 -17.04 -26.85
C LEU D 128 -5.35 -16.57 -25.60
N HIS D 129 -5.67 -15.36 -25.12
CA HIS D 129 -4.99 -14.77 -23.98
C HIS D 129 -5.70 -14.89 -22.63
N PHE D 130 -5.22 -15.82 -21.82
CA PHE D 130 -5.76 -16.10 -20.49
C PHE D 130 -4.92 -15.47 -19.39
N ALA D 131 -5.58 -15.07 -18.31
CA ALA D 131 -4.93 -14.46 -17.16
C ALA D 131 -5.80 -14.66 -15.92
N THR D 132 -5.87 -15.91 -15.48
CA THR D 132 -6.64 -16.31 -14.30
C THR D 132 -5.68 -16.18 -13.11
N GLU D 133 -6.01 -15.31 -12.16
CA GLU D 133 -5.15 -15.11 -10.99
C GLU D 133 -5.79 -15.61 -9.71
N SER D 134 -7.11 -15.48 -9.62
CA SER D 134 -7.84 -15.88 -8.42
C SER D 134 -8.81 -17.02 -8.61
N THR D 135 -8.75 -17.95 -7.63
CA THR D 135 -9.59 -19.15 -7.50
C THR D 135 -8.90 -20.17 -6.55
N SEP D 143 -6.45 -26.22 2.83
CA SEP D 143 -6.51 -26.42 4.30
CB SEP D 143 -6.57 -27.94 4.63
OG SEP D 143 -5.46 -28.44 5.38
C SEP D 143 -5.32 -25.70 4.97
O SEP D 143 -4.73 -24.78 4.38
P SEP D 143 -5.47 -29.93 4.96
O1P SEP D 143 -6.62 -30.91 5.37
O2P SEP D 143 -4.18 -30.26 5.87
O3P SEP D 143 -5.14 -29.91 3.43
N SEP D 144 -5.00 -26.09 6.21
CA SEP D 144 -3.93 -25.53 7.04
CB SEP D 144 -4.33 -25.77 8.51
OG SEP D 144 -4.22 -24.58 9.29
C SEP D 144 -2.57 -26.21 6.75
O SEP D 144 -2.50 -27.43 6.61
P SEP D 144 -4.01 -25.22 10.69
O1P SEP D 144 -5.13 -26.04 11.41
O2P SEP D 144 -3.88 -23.79 11.39
O3P SEP D 144 -2.63 -25.98 10.60
N LEU D 145 -1.50 -25.40 6.67
CA LEU D 145 -0.15 -25.90 6.41
C LEU D 145 0.47 -26.48 7.68
N SEP D 146 1.36 -27.48 7.51
CA SEP D 146 2.00 -28.14 8.64
CB SEP D 146 2.56 -29.52 8.24
OG SEP D 146 1.60 -30.24 7.46
C SEP D 146 3.09 -27.25 9.24
O SEP D 146 3.86 -26.61 8.54
P SEP D 146 2.01 -31.71 7.73
O1P SEP D 146 3.35 -32.34 7.23
O2P SEP D 146 0.84 -32.24 6.81
O3P SEP D 146 1.74 -31.92 9.25
N ALA D 147 3.09 -27.19 10.57
CA ALA D 147 4.05 -26.39 11.35
C ALA D 147 5.42 -27.03 11.48
N LEU D 148 6.44 -26.19 11.61
CA LEU D 148 7.83 -26.59 11.77
C LEU D 148 8.03 -27.14 13.17
N SEP D 149 8.81 -28.22 13.27
CA SEP D 149 9.08 -28.85 14.57
CB SEP D 149 9.35 -30.36 14.44
OG SEP D 149 9.19 -30.84 13.10
C SEP D 149 10.20 -28.09 15.26
O SEP D 149 11.32 -28.00 14.77
P SEP D 149 8.79 -32.31 13.40
O1P SEP D 149 9.78 -33.35 14.05
O2P SEP D 149 8.64 -32.65 11.83
O3P SEP D 149 7.41 -32.20 14.14
N LEU D 150 9.81 -27.40 16.33
CA LEU D 150 10.69 -26.56 17.14
C LEU D 150 10.68 -26.92 18.62
N ASP D 151 11.72 -26.50 19.33
CA ASP D 151 11.90 -26.73 20.78
C ASP D 151 10.94 -25.74 21.48
N GLU D 152 9.65 -26.03 21.32
CA GLU D 152 8.58 -25.19 21.82
C GLU D 152 7.29 -26.02 22.00
N PRO D 153 6.44 -25.69 22.98
CA PRO D 153 5.19 -26.47 23.16
C PRO D 153 4.14 -26.11 22.10
N PHE D 154 3.06 -26.88 22.04
CA PHE D 154 2.00 -26.61 21.09
C PHE D 154 1.07 -25.52 21.59
N ILE D 155 0.89 -24.49 20.75
CA ILE D 155 0.02 -23.37 21.07
C ILE D 155 -0.96 -23.25 19.90
N GLN D 156 -2.25 -23.34 20.20
CA GLN D 156 -3.31 -23.23 19.19
C GLN D 156 -3.60 -21.76 18.89
N LYS D 157 -3.83 -21.47 17.62
CA LYS D 157 -4.15 -20.11 17.16
C LYS D 157 -5.53 -19.69 17.69
N ASP D 158 -5.74 -18.38 17.85
CA ASP D 158 -7.01 -17.86 18.36
C ASP D 158 -8.15 -18.05 17.39
N VAL D 159 -9.34 -18.28 17.96
CA VAL D 159 -10.59 -18.54 17.23
C VAL D 159 -10.87 -17.78 15.95
N GLU D 160 -10.90 -16.45 16.02
CA GLU D 160 -11.20 -15.61 14.86
C GLU D 160 -10.11 -15.56 13.77
N LEU D 161 -8.90 -15.99 14.13
CA LEU D 161 -7.76 -16.04 13.20
C LEU D 161 -7.96 -17.14 12.15
N ARG D 162 -8.67 -18.19 12.55
CA ARG D 162 -8.96 -19.34 11.69
C ARG D 162 -10.43 -19.48 11.28
N ILE D 163 -11.32 -18.77 11.98
CA ILE D 163 -12.77 -18.82 11.72
C ILE D 163 -13.31 -17.86 10.66
N MET D 164 -12.46 -16.95 10.19
CA MET D 164 -12.83 -15.97 9.14
C MET D 164 -11.63 -15.66 8.20
N PRO D 165 -11.90 -15.34 6.90
CA PRO D 165 -10.89 -15.03 5.87
C PRO D 165 -9.70 -14.13 6.22
N PRO D 166 -8.51 -14.39 5.62
CA PRO D 166 -7.30 -13.58 5.87
C PRO D 166 -7.43 -12.13 5.39
N VAL D 167 -6.53 -11.27 5.87
CA VAL D 167 -6.51 -9.85 5.51
C VAL D 167 -6.28 -9.61 4.01
N GLN D 168 -7.18 -8.85 3.39
CA GLN D 168 -7.10 -8.54 1.96
C GLN D 168 -6.93 -7.04 1.70
#